data_2V70
#
_entry.id   2V70
#
_cell.length_a   63.650
_cell.length_b   96.860
_cell.length_c   87.150
_cell.angle_alpha   90.00
_cell.angle_beta   95.32
_cell.angle_gamma   90.00
#
_symmetry.space_group_name_H-M   'P 1 21 1'
#
loop_
_entity.id
_entity.type
_entity.pdbx_description
1 polymer 'SLIT HOMOLOG 2 PROTEIN N-PRODUCT'
2 non-polymer 2-acetamido-2-deoxy-beta-D-glucopyranose
#
_entity_poly.entity_id   1
_entity_poly.type   'polypeptide(L)'
_entity_poly.pdbx_seq_one_letter_code
;GSLACPEKCRCEGTTVDCSNQKLNKIPEHIPQYTAELRLNNNEFTVLEATGIFKKLPQLRKINFSNNKITDIEEGAFEGA
SGVNEILLTSNRLENVQHKMFKGLESLKTLMLRSNRITCVGNDSFIGLSSVRLLSLYDNQITTVAPGAFDTLHSLSTLNL
LANPFNCNCYLAWLGEWLRKKRIVTGNPRCQKPYFLKEIPIQDVAIQDFTCDDAHHHHHH
;
_entity_poly.pdbx_strand_id   A,B,C,D
#
loop_
_chem_comp.id
_chem_comp.type
_chem_comp.name
_chem_comp.formula
NAG D-saccharide, beta linking 2-acetamido-2-deoxy-beta-D-glucopyranose 'C8 H15 N O6'
#
# COMPACT_ATOMS: atom_id res chain seq x y z
N ALA A 4 -25.15 11.93 -0.93
CA ALA A 4 -25.13 11.34 -2.32
C ALA A 4 -23.70 11.25 -2.83
N CYS A 5 -23.42 10.21 -3.60
CA CYS A 5 -22.06 9.92 -4.09
C CYS A 5 -21.58 10.91 -5.16
N PRO A 6 -20.32 11.40 -5.04
CA PRO A 6 -19.78 12.32 -6.04
C PRO A 6 -19.53 11.60 -7.35
N GLU A 7 -19.61 12.33 -8.46
CA GLU A 7 -19.86 11.71 -9.76
C GLU A 7 -18.92 10.56 -10.13
N LYS A 8 -17.62 10.78 -9.95
CA LYS A 8 -16.64 9.80 -10.46
C LYS A 8 -16.30 8.70 -9.43
N CYS A 9 -16.94 8.81 -8.26
CA CYS A 9 -16.62 7.97 -7.12
C CYS A 9 -17.58 6.81 -6.92
N ARG A 10 -17.31 6.00 -5.90
CA ARG A 10 -18.12 4.85 -5.54
C ARG A 10 -18.25 4.81 -4.03
N CYS A 11 -19.50 4.76 -3.54
CA CYS A 11 -19.81 4.95 -2.12
C CYS A 11 -20.46 3.74 -1.47
N GLU A 12 -19.65 2.94 -0.79
CA GLU A 12 -20.07 1.66 -0.20
C GLU A 12 -19.85 1.75 1.33
N GLY A 13 -20.94 1.97 2.06
CA GLY A 13 -20.84 2.16 3.51
C GLY A 13 -20.34 3.55 3.84
N THR A 14 -19.23 3.64 4.58
CA THR A 14 -18.67 4.94 4.96
C THR A 14 -17.40 5.24 4.21
N THR A 15 -17.15 4.50 3.14
CA THR A 15 -15.96 4.69 2.29
C THR A 15 -16.39 5.36 0.99
N VAL A 16 -15.67 6.39 0.57
CA VAL A 16 -15.87 7.03 -0.72
C VAL A 16 -14.67 6.71 -1.60
N ASP A 17 -14.90 5.91 -2.64
CA ASP A 17 -13.81 5.42 -3.49
C ASP A 17 -13.72 6.16 -4.81
N CYS A 18 -12.62 6.87 -5.05
CA CYS A 18 -12.46 7.58 -6.30
C CYS A 18 -11.15 7.15 -6.96
N SER A 19 -10.88 5.85 -6.88
CA SER A 19 -9.77 5.19 -7.55
C SER A 19 -9.83 5.22 -9.07
N ASN A 20 -8.66 5.11 -9.69
CA ASN A 20 -8.52 4.98 -11.13
C ASN A 20 -9.52 5.78 -11.92
N GLN A 21 -9.40 7.10 -11.83
CA GLN A 21 -10.35 7.94 -12.52
C GLN A 21 -9.71 9.11 -13.26
N LYS A 22 -8.38 9.08 -13.38
CA LYS A 22 -7.64 10.11 -14.13
C LYS A 22 -7.98 11.50 -13.58
N LEU A 23 -7.89 11.64 -12.27
CA LEU A 23 -8.34 12.83 -11.57
C LEU A 23 -7.26 13.83 -11.21
N ASN A 24 -7.59 15.11 -11.41
CA ASN A 24 -6.74 16.24 -11.04
C ASN A 24 -6.99 16.84 -9.67
N LYS A 25 -8.29 17.01 -9.39
CA LYS A 25 -8.82 17.77 -8.28
C LYS A 25 -9.75 16.85 -7.53
N ILE A 26 -9.82 17.00 -6.21
CA ILE A 26 -10.76 16.24 -5.36
C ILE A 26 -12.20 16.48 -5.84
N PRO A 27 -12.99 15.40 -5.98
CA PRO A 27 -14.37 15.52 -6.45
C PRO A 27 -15.28 16.43 -5.64
N GLU A 28 -16.34 16.87 -6.32
CA GLU A 28 -17.19 18.00 -5.91
C GLU A 28 -17.85 17.92 -4.55
N HIS A 29 -18.73 16.94 -4.30
CA HIS A 29 -19.51 16.97 -3.05
C HIS A 29 -19.31 15.75 -2.19
N ILE A 30 -18.23 15.78 -1.43
CA ILE A 30 -17.88 14.65 -0.60
C ILE A 30 -18.87 14.62 0.60
N PRO A 31 -19.63 13.49 0.76
CA PRO A 31 -20.71 13.44 1.72
C PRO A 31 -20.18 13.58 3.14
N GLN A 32 -20.94 14.27 3.98
CA GLN A 32 -20.45 14.72 5.28
C GLN A 32 -20.11 13.55 6.22
N TYR A 33 -20.70 12.40 5.93
CA TYR A 33 -20.60 11.25 6.82
C TYR A 33 -19.30 10.52 6.61
N THR A 34 -18.58 10.84 5.53
CA THR A 34 -17.54 9.94 5.00
C THR A 34 -16.36 9.71 5.98
N ALA A 35 -15.81 8.50 5.95
CA ALA A 35 -14.80 8.10 6.93
C ALA A 35 -13.45 7.70 6.32
N GLU A 36 -13.47 7.31 5.04
CA GLU A 36 -12.27 6.96 4.27
C GLU A 36 -12.40 7.52 2.85
N LEU A 37 -11.56 8.47 2.48
CA LEU A 37 -11.61 9.02 1.13
C LEU A 37 -10.45 8.42 0.36
N ARG A 38 -10.75 7.81 -0.78
CA ARG A 38 -9.73 7.11 -1.56
C ARG A 38 -9.50 7.85 -2.84
N LEU A 39 -8.31 8.42 -2.99
CA LEU A 39 -7.97 9.21 -4.19
C LEU A 39 -6.82 8.58 -4.97
N ASN A 40 -6.49 7.35 -4.59
CA ASN A 40 -5.28 6.71 -5.06
C ASN A 40 -5.38 6.34 -6.51
N ASN A 41 -4.24 6.11 -7.14
CA ASN A 41 -4.21 5.67 -8.52
C ASN A 41 -4.88 6.64 -9.51
N ASN A 42 -4.64 7.92 -9.31
CA ASN A 42 -5.14 8.94 -10.20
C ASN A 42 -4.01 9.71 -10.79
N GLU A 43 -4.26 10.90 -11.29
CA GLU A 43 -3.12 11.69 -11.69
C GLU A 43 -3.12 13.08 -11.08
N PHE A 44 -3.02 13.11 -9.77
CA PHE A 44 -2.81 14.36 -9.07
C PHE A 44 -1.38 14.85 -9.30
N THR A 45 -1.19 16.15 -9.51
CA THR A 45 0.15 16.73 -9.64
C THR A 45 0.57 17.54 -8.41
N VAL A 46 -0.34 18.38 -7.93
CA VAL A 46 -0.05 19.20 -6.78
C VAL A 46 -1.28 19.20 -5.90
N LEU A 47 -1.11 19.08 -4.59
CA LEU A 47 -2.24 19.20 -3.67
C LEU A 47 -2.45 20.64 -3.22
N GLU A 48 -3.55 21.22 -3.67
CA GLU A 48 -3.83 22.63 -3.37
C GLU A 48 -4.59 22.91 -2.07
N ALA A 49 -4.51 24.17 -1.61
CA ALA A 49 -5.23 24.62 -0.42
C ALA A 49 -6.71 24.47 -0.66
N THR A 50 -7.40 23.72 0.18
CA THR A 50 -8.77 23.40 -0.16
C THR A 50 -9.80 23.79 0.89
N GLY A 51 -9.56 23.43 2.14
CA GLY A 51 -10.59 23.60 3.17
C GLY A 51 -11.96 22.93 2.99
N ILE A 52 -12.02 21.86 2.20
CA ILE A 52 -13.21 21.02 2.16
C ILE A 52 -13.18 20.06 3.33
N PHE A 53 -11.98 19.88 3.89
CA PHE A 53 -11.78 19.03 5.05
C PHE A 53 -12.31 19.65 6.36
N LYS A 54 -12.62 20.94 6.30
CA LYS A 54 -13.17 21.64 7.45
C LYS A 54 -14.50 21.02 7.88
N LYS A 55 -15.28 20.48 6.93
CA LYS A 55 -16.61 19.96 7.25
C LYS A 55 -16.75 18.45 6.97
N LEU A 56 -15.68 17.69 7.29
CA LEU A 56 -15.69 16.25 7.14
C LEU A 56 -15.19 15.65 8.43
N PRO A 57 -15.99 15.77 9.48
CA PRO A 57 -15.54 15.48 10.83
C PRO A 57 -15.48 14.01 11.11
N GLN A 58 -15.99 13.19 10.19
CA GLN A 58 -15.92 11.74 10.31
C GLN A 58 -14.69 11.08 9.68
N LEU A 59 -14.07 11.73 8.70
CA LEU A 59 -12.92 11.23 7.93
C LEU A 59 -11.72 10.83 8.78
N ARG A 60 -11.30 9.58 8.69
CA ARG A 60 -10.18 9.15 9.49
C ARG A 60 -8.96 8.71 8.69
N LYS A 61 -9.15 8.48 7.39
CA LYS A 61 -8.08 8.01 6.51
C LYS A 61 -8.19 8.70 5.16
N ILE A 62 -7.07 9.10 4.56
CA ILE A 62 -7.10 9.59 3.15
C ILE A 62 -6.02 8.97 2.30
N ASN A 63 -6.41 8.33 1.18
CA ASN A 63 -5.42 7.63 0.33
C ASN A 63 -5.02 8.33 -0.97
N PHE A 64 -3.79 8.86 -0.98
CA PHE A 64 -3.20 9.53 -2.14
C PHE A 64 -2.12 8.67 -2.81
N SER A 65 -2.06 7.40 -2.47
CA SER A 65 -1.07 6.53 -3.07
C SER A 65 -1.09 6.61 -4.59
N ASN A 66 0.05 6.33 -5.21
CA ASN A 66 0.14 6.19 -6.67
C ASN A 66 -0.49 7.32 -7.43
N ASN A 67 -0.14 8.56 -7.09
CA ASN A 67 -0.34 9.65 -8.02
C ASN A 67 1.02 10.13 -8.52
N LYS A 68 1.11 11.37 -8.97
CA LYS A 68 2.40 11.97 -9.29
C LYS A 68 2.44 13.36 -8.70
N ILE A 69 2.45 13.41 -7.36
CA ILE A 69 2.40 14.64 -6.60
C ILE A 69 3.81 15.17 -6.38
N THR A 70 4.12 16.36 -6.92
CA THR A 70 5.40 17.00 -6.63
C THR A 70 5.41 17.98 -5.44
N ASP A 71 4.29 18.66 -5.18
CA ASP A 71 4.19 19.62 -4.09
C ASP A 71 2.86 19.53 -3.35
N ILE A 72 2.90 19.85 -2.06
CA ILE A 72 1.71 20.05 -1.23
C ILE A 72 1.71 21.48 -0.67
N GLU A 73 0.64 22.22 -0.95
CA GLU A 73 0.56 23.61 -0.53
C GLU A 73 0.19 23.67 0.94
N GLU A 74 0.59 24.74 1.64
CA GLU A 74 0.17 24.91 3.04
C GLU A 74 -1.35 25.01 3.09
N GLY A 75 -2.01 24.05 3.75
CA GLY A 75 -3.46 24.12 3.90
C GLY A 75 -4.20 23.22 2.92
N ALA A 76 -3.49 22.23 2.39
CA ALA A 76 -4.13 21.19 1.62
C ALA A 76 -4.99 20.36 2.56
N PHE A 77 -4.72 20.55 3.84
CA PHE A 77 -5.32 19.78 4.90
C PHE A 77 -5.86 20.66 6.03
N GLU A 78 -6.18 21.91 5.73
CA GLU A 78 -6.71 22.81 6.74
C GLU A 78 -7.94 22.19 7.37
N GLY A 79 -7.96 22.19 8.69
CA GLY A 79 -9.12 21.76 9.42
C GLY A 79 -9.36 20.27 9.43
N ALA A 80 -8.38 19.48 9.02
CA ALA A 80 -8.57 18.04 9.01
C ALA A 80 -8.26 17.43 10.38
N SER A 81 -8.88 17.96 11.43
CA SER A 81 -8.44 17.61 12.77
C SER A 81 -8.65 16.16 13.11
N GLY A 82 -9.47 15.49 12.32
CA GLY A 82 -9.87 14.11 12.59
C GLY A 82 -8.99 12.98 12.06
N VAL A 83 -8.26 13.20 10.97
CA VAL A 83 -7.65 12.07 10.24
C VAL A 83 -6.51 11.38 11.00
N ASN A 84 -6.49 10.06 10.90
CA ASN A 84 -5.47 9.25 11.52
C ASN A 84 -4.32 9.02 10.60
N GLU A 85 -4.62 8.66 9.36
CA GLU A 85 -3.56 8.34 8.43
C GLU A 85 -3.78 8.94 7.06
N ILE A 86 -2.71 9.54 6.53
CA ILE A 86 -2.67 9.86 5.10
C ILE A 86 -1.57 9.07 4.38
N LEU A 87 -1.94 8.50 3.25
CA LEU A 87 -1.02 7.72 2.50
C LEU A 87 -0.53 8.50 1.30
N LEU A 88 0.78 8.81 1.25
CA LEU A 88 1.36 9.52 0.11
C LEU A 88 2.31 8.63 -0.65
N THR A 89 2.34 7.35 -0.26
CA THR A 89 3.20 6.37 -0.89
C THR A 89 3.11 6.33 -2.42
N SER A 90 4.26 6.16 -3.07
CA SER A 90 4.41 6.26 -4.52
C SER A 90 3.98 7.59 -5.09
N ASN A 91 4.75 8.62 -4.81
CA ASN A 91 4.51 9.90 -5.46
C ASN A 91 5.83 10.57 -5.85
N ARG A 92 5.86 11.86 -6.07
CA ARG A 92 7.08 12.46 -6.53
C ARG A 92 7.57 13.61 -5.65
N LEU A 93 7.33 13.50 -4.35
CA LEU A 93 7.78 14.53 -3.46
C LEU A 93 9.28 14.53 -3.39
N GLU A 94 9.87 15.73 -3.48
CA GLU A 94 11.30 15.92 -3.49
C GLU A 94 11.85 16.37 -2.14
N ASN A 95 10.95 16.90 -1.30
CA ASN A 95 11.21 17.11 0.15
C ASN A 95 9.94 17.31 0.96
N VAL A 96 10.15 17.52 2.25
CA VAL A 96 9.04 17.67 3.17
C VAL A 96 9.22 18.98 3.90
N GLN A 97 8.11 19.58 4.32
CA GLN A 97 8.10 20.74 5.20
C GLN A 97 6.84 20.60 6.04
N HIS A 98 6.92 20.92 7.34
CA HIS A 98 5.76 20.80 8.22
C HIS A 98 4.54 21.54 7.69
N LYS A 99 4.78 22.70 7.09
CA LYS A 99 3.76 23.47 6.40
C LYS A 99 2.80 22.61 5.56
N MET A 100 3.27 21.49 5.07
CA MET A 100 2.48 20.67 4.20
C MET A 100 1.40 20.07 5.01
N PHE A 101 1.67 19.85 6.28
CA PHE A 101 0.74 19.09 7.10
C PHE A 101 0.00 19.91 8.16
N LYS A 102 0.07 21.23 8.05
CA LYS A 102 -0.76 22.09 8.87
C LYS A 102 -2.19 21.57 8.72
N GLY A 103 -2.81 21.27 9.85
CA GLY A 103 -4.21 20.89 9.87
C GLY A 103 -4.42 19.50 10.41
N LEU A 104 -3.46 18.61 10.20
CA LEU A 104 -3.54 17.20 10.64
C LEU A 104 -3.17 17.09 12.13
N GLU A 105 -4.12 17.43 13.00
CA GLU A 105 -3.86 17.52 14.45
C GLU A 105 -3.75 16.17 15.14
N SER A 106 -4.23 15.11 14.47
CA SER A 106 -4.36 13.80 15.10
C SER A 106 -3.59 12.72 14.36
N LEU A 107 -3.05 13.06 13.20
CA LEU A 107 -2.26 12.16 12.37
C LEU A 107 -1.42 11.14 13.18
N LYS A 108 -1.77 9.87 13.07
CA LYS A 108 -1.04 8.77 13.68
C LYS A 108 -0.13 8.04 12.68
N THR A 109 -0.45 8.11 11.40
CA THR A 109 0.30 7.38 10.40
C THR A 109 0.59 8.21 9.13
N LEU A 110 1.85 8.30 8.75
CA LEU A 110 2.25 9.08 7.59
C LEU A 110 3.07 8.18 6.71
N MET A 111 2.46 7.71 5.65
CA MET A 111 3.17 6.89 4.67
C MET A 111 3.82 7.78 3.54
N LEU A 112 5.14 7.86 3.52
CA LEU A 112 5.83 8.71 2.56
C LEU A 112 6.73 7.85 1.70
N ARG A 113 6.55 6.54 1.88
CA ARG A 113 7.23 5.50 1.11
C ARG A 113 7.27 5.77 -0.36
N SER A 114 8.41 5.48 -0.98
CA SER A 114 8.56 5.50 -2.45
C SER A 114 8.26 6.83 -3.11
N ASN A 115 8.70 7.91 -2.46
CA ASN A 115 8.77 9.22 -3.06
C ASN A 115 10.21 9.51 -3.50
N ARG A 116 10.59 10.77 -3.57
CA ARG A 116 11.93 11.12 -4.04
C ARG A 116 12.68 12.09 -3.12
N ILE A 117 12.35 12.06 -1.84
CA ILE A 117 12.91 12.95 -0.85
C ILE A 117 14.43 12.76 -0.78
N THR A 118 15.16 13.85 -0.98
CA THR A 118 16.64 13.82 -1.05
C THR A 118 17.32 14.00 0.30
N CYS A 119 16.58 14.51 1.30
CA CYS A 119 17.10 14.76 2.67
C CYS A 119 15.99 15.13 3.67
N VAL A 120 16.24 14.90 4.94
CA VAL A 120 15.31 15.36 5.94
C VAL A 120 15.85 16.60 6.66
N GLY A 121 14.95 17.56 6.86
CA GLY A 121 15.29 18.85 7.44
C GLY A 121 15.14 18.89 8.92
N ASN A 122 15.85 19.84 9.53
CA ASN A 122 15.86 20.03 10.98
C ASN A 122 14.46 20.31 11.49
N ASP A 123 13.58 20.66 10.56
CA ASP A 123 12.14 20.69 10.83
C ASP A 123 11.29 20.34 9.61
N SER A 124 11.59 19.22 8.98
CA SER A 124 10.69 18.71 7.99
C SER A 124 9.41 18.19 8.61
N PHE A 125 9.48 17.82 9.89
CA PHE A 125 8.36 17.17 10.55
C PHE A 125 7.90 17.81 11.86
N ILE A 126 8.33 19.02 12.12
CA ILE A 126 7.84 19.75 13.24
C ILE A 126 6.30 19.67 13.30
N GLY A 127 5.78 19.54 14.52
CA GLY A 127 4.34 19.69 14.79
C GLY A 127 3.52 18.41 14.65
N LEU A 128 4.12 17.32 14.17
CA LEU A 128 3.36 16.11 14.03
C LEU A 128 3.55 15.30 15.26
N SER A 129 3.24 15.89 16.41
CA SER A 129 3.51 15.27 17.71
C SER A 129 2.75 13.99 17.98
N SER A 130 1.82 13.61 17.11
CA SER A 130 1.01 12.44 17.41
C SER A 130 1.32 11.20 16.55
N VAL A 131 2.07 11.37 15.46
CA VAL A 131 2.34 10.22 14.58
C VAL A 131 3.22 9.21 15.26
N ARG A 132 2.79 7.95 15.14
CA ARG A 132 3.50 6.79 15.70
C ARG A 132 4.10 5.88 14.65
N LEU A 133 3.82 6.16 13.39
CA LEU A 133 4.48 5.43 12.30
C LEU A 133 4.77 6.29 11.08
N LEU A 134 6.04 6.50 10.76
CA LEU A 134 6.39 7.33 9.64
C LEU A 134 7.33 6.49 8.78
N SER A 135 6.94 6.24 7.54
CA SER A 135 7.74 5.43 6.61
C SER A 135 8.50 6.33 5.64
N LEU A 136 9.81 6.22 5.60
CA LEU A 136 10.52 6.95 4.57
C LEU A 136 11.15 6.00 3.55
N TYR A 137 10.65 4.77 3.57
CA TYR A 137 11.20 3.66 2.80
C TYR A 137 11.35 3.96 1.32
N ASP A 138 12.44 3.54 0.74
CA ASP A 138 12.67 3.69 -0.70
C ASP A 138 12.57 5.12 -1.19
N ASN A 139 13.20 6.05 -0.50
CA ASN A 139 13.34 7.38 -1.04
C ASN A 139 14.74 7.53 -1.55
N GLN A 140 15.35 8.69 -1.30
CA GLN A 140 16.58 9.08 -1.96
C GLN A 140 17.40 9.93 -0.98
N ILE A 141 17.22 9.63 0.30
CA ILE A 141 17.73 10.43 1.36
C ILE A 141 19.21 10.16 1.53
N THR A 142 19.94 11.25 1.69
CA THR A 142 21.39 11.29 1.68
C THR A 142 21.90 11.62 3.06
N THR A 143 21.38 12.68 3.70
CA THR A 143 21.58 12.89 5.15
C THR A 143 20.34 13.24 5.90
N VAL A 144 20.52 13.46 7.19
CA VAL A 144 19.44 13.85 8.05
C VAL A 144 19.97 14.84 9.05
N ALA A 145 19.44 16.06 9.04
CA ALA A 145 19.87 17.04 10.00
C ALA A 145 19.62 16.56 11.44
N PRO A 146 20.54 16.90 12.38
CA PRO A 146 20.44 16.65 13.84
C PRO A 146 19.11 17.05 14.43
N GLY A 147 18.50 16.13 15.18
CA GLY A 147 17.24 16.38 15.89
C GLY A 147 16.03 16.49 14.98
N ALA A 148 16.15 15.93 13.78
CA ALA A 148 15.09 16.07 12.82
C ALA A 148 13.86 15.42 13.37
N PHE A 149 14.09 14.51 14.31
CA PHE A 149 13.03 13.66 14.81
C PHE A 149 12.64 13.97 16.25
N ASP A 150 13.50 14.66 16.96
CA ASP A 150 13.22 14.99 18.34
C ASP A 150 11.79 15.48 18.54
N THR A 151 11.22 16.12 17.54
CA THR A 151 9.92 16.77 17.67
C THR A 151 8.83 15.71 17.87
N LEU A 152 8.92 14.62 17.10
CA LEU A 152 7.92 13.52 17.00
C LEU A 152 7.78 12.66 18.27
N HIS A 153 7.05 13.18 19.25
CA HIS A 153 7.06 12.57 20.57
C HIS A 153 6.40 11.20 20.66
N SER A 154 5.65 10.86 19.63
CA SER A 154 4.82 9.66 19.69
C SER A 154 5.44 8.50 18.93
N LEU A 155 6.52 8.81 18.21
CA LEU A 155 7.17 7.91 17.23
C LEU A 155 7.61 6.56 17.77
N SER A 156 7.15 5.50 17.13
CA SER A 156 7.51 4.15 17.52
C SER A 156 8.01 3.30 16.35
N THR A 157 7.57 3.60 15.13
CA THR A 157 8.10 2.91 13.93
C THR A 157 8.46 3.88 12.84
N LEU A 158 9.76 4.01 12.59
CA LEU A 158 10.30 4.93 11.58
C LEU A 158 11.11 4.11 10.57
N ASN A 159 10.59 3.96 9.36
CA ASN A 159 11.23 3.07 8.44
C ASN A 159 12.18 3.84 7.58
N LEU A 160 13.48 3.67 7.85
CA LEU A 160 14.44 4.40 7.08
C LEU A 160 14.96 3.63 5.89
N LEU A 161 14.71 2.34 5.82
CA LEU A 161 15.43 1.44 4.86
C LEU A 161 15.25 1.84 3.44
N ALA A 162 16.24 1.48 2.62
CA ALA A 162 16.26 1.69 1.15
C ALA A 162 16.48 3.15 0.71
N ASN A 163 17.44 3.80 1.39
CA ASN A 163 17.92 5.15 1.09
C ASN A 163 19.45 5.20 1.00
N PRO A 164 20.01 5.97 0.04
CA PRO A 164 21.45 6.06 -0.13
C PRO A 164 22.13 6.98 0.90
N PHE A 165 22.08 6.57 2.17
CA PHE A 165 22.71 7.32 3.25
C PHE A 165 24.20 7.49 2.98
N ASN A 166 24.66 8.72 3.16
CA ASN A 166 26.05 9.07 3.03
C ASN A 166 26.57 9.12 4.44
N CYS A 167 27.45 8.21 4.82
CA CYS A 167 27.94 8.22 6.19
C CYS A 167 29.16 9.12 6.35
N ASN A 168 28.96 10.41 6.06
CA ASN A 168 30.00 11.38 6.25
C ASN A 168 29.86 11.95 7.64
N CYS A 169 30.77 12.82 8.03
CA CYS A 169 30.72 13.44 9.35
C CYS A 169 29.34 14.08 9.63
N TYR A 170 28.56 14.35 8.60
CA TYR A 170 27.30 15.03 8.78
C TYR A 170 26.26 14.10 9.37
N LEU A 171 26.51 12.79 9.29
CA LEU A 171 25.53 11.79 9.71
C LEU A 171 26.03 11.02 10.91
N ALA A 172 27.14 11.47 11.51
CA ALA A 172 27.67 10.88 12.73
C ALA A 172 26.57 10.75 13.76
N TRP A 173 25.91 11.86 14.05
CA TRP A 173 24.86 11.91 15.07
C TRP A 173 23.72 10.90 14.96
N LEU A 174 23.33 10.59 13.73
CA LEU A 174 22.22 9.66 13.50
C LEU A 174 22.58 8.29 14.04
N GLY A 175 23.86 7.91 13.87
CA GLY A 175 24.39 6.67 14.45
C GLY A 175 23.99 6.53 15.90
N GLU A 176 24.55 7.42 16.74
CA GLU A 176 24.13 7.57 18.15
C GLU A 176 22.61 7.50 18.38
N TRP A 177 21.88 8.39 17.70
CA TRP A 177 20.45 8.47 17.88
C TRP A 177 19.83 7.11 17.69
N LEU A 178 20.27 6.40 16.65
CA LEU A 178 19.67 5.13 16.36
C LEU A 178 19.90 4.15 17.50
N ARG A 179 21.12 4.10 18.03
CA ARG A 179 21.35 3.08 19.04
C ARG A 179 20.79 3.45 20.42
N LYS A 180 20.32 4.69 20.57
CA LYS A 180 19.85 5.14 21.84
C LYS A 180 18.32 5.19 21.91
N LYS A 181 17.66 5.55 20.83
CA LYS A 181 16.20 5.54 20.82
C LYS A 181 15.69 4.15 20.46
N ARG A 182 15.13 3.48 21.46
CA ARG A 182 14.44 2.22 21.24
C ARG A 182 13.28 2.44 20.24
N ILE A 183 13.55 2.51 18.94
CA ILE A 183 12.49 2.74 17.95
C ILE A 183 12.78 1.97 16.69
N VAL A 184 11.84 1.13 16.26
CA VAL A 184 11.98 0.29 15.09
C VAL A 184 12.30 1.04 13.78
N THR A 185 13.43 0.71 13.18
CA THR A 185 13.91 1.44 12.00
C THR A 185 14.27 0.55 10.84
N GLY A 186 14.55 -0.72 11.17
CA GLY A 186 14.88 -1.76 10.17
C GLY A 186 16.36 -1.93 10.02
N ASN A 187 17.09 -0.98 10.59
CA ASN A 187 18.50 -1.03 10.62
C ASN A 187 19.15 -0.52 9.33
N PRO A 188 19.02 0.77 9.06
CA PRO A 188 19.51 1.39 7.84
C PRO A 188 21.02 1.26 7.65
N ARG A 189 21.46 1.07 6.40
CA ARG A 189 22.88 0.88 6.06
C ARG A 189 23.47 1.99 5.23
N CYS A 190 24.76 2.25 5.45
CA CYS A 190 25.52 3.28 4.76
C CYS A 190 25.71 2.92 3.30
N GLN A 191 25.60 3.89 2.40
CA GLN A 191 25.72 3.60 0.99
C GLN A 191 26.94 4.30 0.39
N LYS A 192 27.29 5.44 0.95
CA LYS A 192 28.60 6.06 0.76
C LYS A 192 29.21 6.27 2.16
N PRO A 193 30.56 6.29 2.27
CA PRO A 193 31.58 6.05 1.24
C PRO A 193 31.79 4.55 0.96
N TYR A 194 32.40 4.25 -0.17
CA TYR A 194 32.62 2.89 -0.60
C TYR A 194 33.03 1.96 0.56
N PHE A 195 33.92 2.41 1.45
CA PHE A 195 34.48 1.48 2.41
C PHE A 195 33.51 1.05 3.50
N LEU A 196 32.31 1.66 3.51
CA LEU A 196 31.31 1.42 4.54
C LEU A 196 29.99 1.01 3.94
N LYS A 197 29.98 0.74 2.63
CA LYS A 197 28.76 0.44 1.88
C LYS A 197 28.16 -0.79 2.50
N GLU A 198 26.86 -0.72 2.79
CA GLU A 198 26.07 -1.90 3.21
C GLU A 198 26.38 -2.28 4.69
N ILE A 199 26.91 -1.32 5.43
CA ILE A 199 27.11 -1.49 6.85
C ILE A 199 26.11 -0.64 7.61
N PRO A 200 25.58 -1.15 8.75
CA PRO A 200 24.47 -0.42 9.30
C PRO A 200 25.01 0.82 9.92
N ILE A 201 24.26 1.92 9.79
CA ILE A 201 24.68 3.23 10.28
C ILE A 201 25.09 3.19 11.72
N GLN A 202 24.22 2.55 12.49
CA GLN A 202 24.36 2.48 13.91
C GLN A 202 25.64 1.77 14.35
N ASP A 203 26.26 1.07 13.42
CA ASP A 203 27.42 0.23 13.73
C ASP A 203 28.74 0.91 13.56
N VAL A 204 28.80 1.92 12.70
CA VAL A 204 30.04 2.61 12.37
C VAL A 204 30.62 3.35 13.55
N ALA A 205 31.93 3.22 13.77
CA ALA A 205 32.61 3.96 14.86
C ALA A 205 32.58 5.49 14.65
N ILE A 206 32.45 6.26 15.74
CA ILE A 206 32.56 7.75 15.64
C ILE A 206 33.74 8.25 14.77
N GLN A 207 34.82 7.50 14.68
CA GLN A 207 35.96 7.92 13.90
C GLN A 207 35.88 7.89 12.36
N ASP A 208 34.96 7.11 11.82
CA ASP A 208 34.91 6.85 10.38
C ASP A 208 33.91 7.71 9.62
N PHE A 209 33.10 8.45 10.37
CA PHE A 209 32.25 9.49 9.80
C PHE A 209 33.19 10.64 9.54
N THR A 210 33.60 10.85 8.30
CA THR A 210 34.65 11.81 8.05
C THR A 210 34.51 12.54 6.75
N CYS A 211 33.50 13.38 6.61
CA CYS A 211 33.38 14.21 5.43
C CYS A 211 34.74 14.87 5.09
N ASP A 212 35.15 14.72 3.83
CA ASP A 212 36.55 14.83 3.41
C ASP A 212 36.96 16.25 3.04
N ASP A 213 37.22 17.06 4.07
CA ASP A 213 37.82 18.41 3.93
C ASP A 213 37.11 19.27 2.88
N ALA B 4 -38.80 -26.39 -2.87
CA ALA B 4 -39.44 -25.88 -1.61
C ALA B 4 -38.37 -25.54 -0.57
N CYS B 5 -38.64 -24.51 0.24
CA CYS B 5 -37.65 -23.93 1.14
C CYS B 5 -37.43 -24.80 2.35
N PRO B 6 -36.17 -25.01 2.72
CA PRO B 6 -35.90 -25.82 3.92
C PRO B 6 -36.33 -25.11 5.20
N GLU B 7 -36.69 -25.88 6.22
CA GLU B 7 -37.48 -25.38 7.36
C GLU B 7 -36.98 -24.06 7.98
N LYS B 8 -35.71 -24.04 8.35
CA LYS B 8 -35.26 -22.93 9.16
C LYS B 8 -34.76 -21.76 8.27
N CYS B 9 -34.73 -21.98 6.96
CA CYS B 9 -34.15 -21.01 6.04
C CYS B 9 -35.18 -20.04 5.45
N ARG B 10 -34.70 -19.15 4.58
CA ARG B 10 -35.51 -18.21 3.77
C ARG B 10 -35.07 -18.21 2.29
N CYS B 11 -36.00 -18.42 1.37
CA CYS B 11 -35.64 -18.62 -0.03
C CYS B 11 -36.18 -17.52 -0.93
N GLU B 12 -35.30 -16.58 -1.25
CA GLU B 12 -35.66 -15.42 -2.02
C GLU B 12 -34.91 -15.40 -3.35
N GLY B 13 -35.60 -15.76 -4.43
CA GLY B 13 -34.96 -15.87 -5.75
C GLY B 13 -34.09 -17.11 -5.80
N THR B 14 -32.81 -16.92 -6.09
CA THR B 14 -31.89 -18.07 -6.21
C THR B 14 -31.00 -18.22 -5.00
N THR B 15 -31.36 -17.51 -3.92
CA THR B 15 -30.58 -17.52 -2.68
C THR B 15 -31.34 -18.21 -1.59
N VAL B 16 -30.67 -19.14 -0.93
CA VAL B 16 -31.24 -19.88 0.22
C VAL B 16 -30.53 -19.36 1.47
N ASP B 17 -31.26 -18.61 2.30
CA ASP B 17 -30.67 -17.98 3.47
C ASP B 17 -30.94 -18.72 4.79
N CYS B 18 -29.90 -19.23 5.42
CA CYS B 18 -30.12 -19.94 6.66
C CYS B 18 -29.29 -19.29 7.77
N SER B 19 -29.26 -17.96 7.75
CA SER B 19 -28.56 -17.14 8.74
C SER B 19 -29.16 -17.24 10.10
N ASN B 20 -28.36 -16.95 11.12
CA ASN B 20 -28.80 -16.83 12.52
C ASN B 20 -29.87 -17.79 12.93
N GLN B 21 -29.52 -19.07 12.98
CA GLN B 21 -30.53 -20.06 13.26
C GLN B 21 -30.09 -21.08 14.31
N LYS B 22 -28.89 -20.88 14.82
CA LYS B 22 -28.34 -21.73 15.86
C LYS B 22 -28.15 -23.13 15.30
N LEU B 23 -27.52 -23.22 14.13
CA LEU B 23 -27.49 -24.46 13.42
C LEU B 23 -26.21 -25.25 13.55
N ASN B 24 -26.36 -26.57 13.64
CA ASN B 24 -25.26 -27.55 13.63
C ASN B 24 -24.91 -28.13 12.29
N LYS B 25 -25.98 -28.56 11.61
CA LYS B 25 -25.93 -29.39 10.42
C LYS B 25 -26.60 -28.63 9.28
N ILE B 26 -26.10 -28.77 8.04
CA ILE B 26 -26.74 -28.18 6.85
C ILE B 26 -28.18 -28.66 6.74
N PRO B 27 -29.17 -27.75 6.53
CA PRO B 27 -30.59 -28.07 6.37
C PRO B 27 -30.99 -29.11 5.35
N GLU B 28 -32.12 -29.75 5.66
CA GLU B 28 -32.56 -31.02 5.07
C GLU B 28 -32.65 -31.09 3.55
N HIS B 29 -33.47 -30.23 2.96
CA HIS B 29 -33.69 -30.38 1.52
C HIS B 29 -33.40 -29.06 0.81
N ILE B 30 -32.13 -28.85 0.52
CA ILE B 30 -31.72 -27.67 -0.22
C ILE B 30 -32.16 -27.84 -1.68
N PRO B 31 -32.95 -26.89 -2.20
CA PRO B 31 -33.58 -27.03 -3.51
C PRO B 31 -32.56 -27.00 -4.67
N GLN B 32 -32.79 -27.87 -5.66
CA GLN B 32 -31.78 -28.18 -6.65
C GLN B 32 -31.37 -26.94 -7.45
N TYR B 33 -32.19 -25.92 -7.40
CA TYR B 33 -31.98 -24.74 -8.22
C TYR B 33 -31.04 -23.73 -7.59
N THR B 34 -30.69 -23.94 -6.33
CA THR B 34 -30.09 -22.87 -5.53
C THR B 34 -28.71 -22.42 -5.98
N ALA B 35 -28.41 -21.15 -5.78
CA ALA B 35 -27.21 -20.57 -6.32
C ALA B 35 -26.32 -19.90 -5.27
N GLU B 36 -26.90 -19.53 -4.14
CA GLU B 36 -26.11 -19.05 -3.01
C GLU B 36 -26.62 -19.67 -1.69
N LEU B 37 -25.80 -20.46 -1.03
CA LEU B 37 -26.20 -21.05 0.22
C LEU B 37 -25.52 -20.26 1.32
N ARG B 38 -26.33 -19.73 2.23
CA ARG B 38 -25.84 -18.88 3.30
C ARG B 38 -26.04 -19.60 4.62
N LEU B 39 -24.93 -20.02 5.23
CA LEU B 39 -24.92 -20.75 6.51
C LEU B 39 -24.23 -19.93 7.62
N ASN B 40 -23.98 -18.67 7.30
CA ASN B 40 -23.28 -17.77 8.22
C ASN B 40 -24.03 -17.44 9.53
N ASN B 41 -23.25 -17.09 10.54
CA ASN B 41 -23.80 -16.67 11.80
C ASN B 41 -24.61 -17.78 12.46
N ASN B 42 -24.03 -18.96 12.49
CA ASN B 42 -24.65 -20.08 13.13
C ASN B 42 -23.67 -20.65 14.11
N GLU B 43 -23.92 -21.86 14.59
CA GLU B 43 -22.93 -22.46 15.44
C GLU B 43 -22.51 -23.80 14.92
N PHE B 44 -21.90 -23.75 13.75
CA PHE B 44 -21.21 -24.90 13.21
C PHE B 44 -19.95 -25.18 14.04
N THR B 45 -19.67 -26.46 14.33
CA THR B 45 -18.40 -26.82 14.97
C THR B 45 -17.41 -27.49 14.01
N VAL B 46 -17.91 -28.52 13.31
CA VAL B 46 -17.09 -29.25 12.35
C VAL B 46 -17.87 -29.49 11.08
N LEU B 47 -17.25 -29.25 9.93
CA LEU B 47 -17.90 -29.51 8.64
C LEU B 47 -17.68 -30.93 8.21
N GLU B 48 -18.73 -31.74 8.25
CA GLU B 48 -18.60 -33.17 7.93
C GLU B 48 -18.69 -33.52 6.45
N ALA B 49 -18.26 -34.74 6.12
CA ALA B 49 -18.36 -35.30 4.78
C ALA B 49 -19.83 -35.45 4.48
N THR B 50 -20.31 -34.79 3.42
CA THR B 50 -21.75 -34.72 3.18
C THR B 50 -22.24 -35.25 1.83
N GLY B 51 -21.58 -34.86 0.75
CA GLY B 51 -22.05 -35.22 -0.58
C GLY B 51 -23.47 -34.78 -0.98
N ILE B 52 -24.02 -33.79 -0.28
CA ILE B 52 -25.27 -33.15 -0.74
C ILE B 52 -24.99 -32.14 -1.82
N PHE B 53 -23.69 -31.80 -1.98
CA PHE B 53 -23.25 -30.85 -2.98
C PHE B 53 -23.14 -31.50 -4.32
N LYS B 54 -23.24 -32.84 -4.31
CA LYS B 54 -23.18 -33.65 -5.52
C LYS B 54 -24.31 -33.28 -6.45
N LYS B 55 -25.46 -32.89 -5.89
CA LYS B 55 -26.63 -32.58 -6.72
C LYS B 55 -27.14 -31.13 -6.51
N LEU B 56 -26.21 -30.17 -6.50
CA LEU B 56 -26.56 -28.74 -6.51
C LEU B 56 -25.75 -28.05 -7.55
N PRO B 57 -26.09 -28.28 -8.82
CA PRO B 57 -25.20 -27.91 -9.90
C PRO B 57 -25.25 -26.43 -10.20
N GLN B 58 -26.19 -25.74 -9.56
CA GLN B 58 -26.34 -24.30 -9.72
C GLN B 58 -25.59 -23.43 -8.73
N LEU B 59 -25.26 -24.00 -7.57
CA LEU B 59 -24.56 -23.34 -6.46
C LEU B 59 -23.17 -22.75 -6.80
N ARG B 60 -23.01 -21.44 -6.59
CA ARG B 60 -21.78 -20.73 -6.96
C ARG B 60 -21.05 -20.13 -5.76
N LYS B 61 -21.74 -20.01 -4.63
CA LYS B 61 -21.17 -19.34 -3.45
C LYS B 61 -21.67 -20.00 -2.18
N ILE B 62 -20.80 -20.20 -1.19
CA ILE B 62 -21.24 -20.74 0.10
C ILE B 62 -20.69 -19.98 1.32
N ASN B 63 -21.56 -19.53 2.21
CA ASN B 63 -21.12 -18.61 3.26
C ASN B 63 -21.15 -19.23 4.63
N PHE B 64 -19.97 -19.57 5.11
CA PHE B 64 -19.81 -20.15 6.41
C PHE B 64 -19.21 -19.16 7.42
N SER B 65 -19.25 -17.88 7.10
CA SER B 65 -18.74 -16.85 7.99
C SER B 65 -19.34 -16.95 9.39
N ASN B 66 -18.59 -16.51 10.38
CA ASN B 66 -19.10 -16.38 11.72
C ASN B 66 -19.79 -17.60 12.30
N ASN B 67 -19.11 -18.74 12.18
CA ASN B 67 -19.39 -19.90 12.98
C ASN B 67 -18.23 -20.13 13.92
N LYS B 68 -18.08 -21.35 14.39
CA LYS B 68 -16.96 -21.68 15.23
C LYS B 68 -16.49 -23.04 14.82
N ILE B 69 -16.00 -23.09 13.60
CA ILE B 69 -15.56 -24.33 12.95
C ILE B 69 -14.09 -24.59 13.23
N THR B 70 -13.81 -25.72 13.86
CA THR B 70 -12.43 -26.06 14.13
C THR B 70 -11.82 -26.99 13.07
N ASP B 71 -12.63 -27.87 12.49
CA ASP B 71 -12.13 -28.81 11.49
C ASP B 71 -13.08 -28.98 10.31
N ILE B 72 -12.50 -29.28 9.15
CA ILE B 72 -13.26 -29.61 7.95
C ILE B 72 -12.75 -30.97 7.49
N GLU B 73 -13.67 -31.90 7.36
CA GLU B 73 -13.34 -33.26 6.98
C GLU B 73 -13.10 -33.31 5.49
N GLU B 74 -12.30 -34.30 5.03
CA GLU B 74 -12.11 -34.54 3.60
C GLU B 74 -13.45 -34.98 2.99
N GLY B 75 -13.97 -34.17 2.08
CA GLY B 75 -15.25 -34.50 1.45
C GLY B 75 -16.44 -33.72 1.97
N ALA B 76 -16.17 -32.65 2.71
CA ALA B 76 -17.23 -31.75 3.15
C ALA B 76 -17.77 -31.10 1.89
N PHE B 77 -16.97 -31.15 0.83
CA PHE B 77 -17.27 -30.44 -0.39
C PHE B 77 -17.17 -31.33 -1.59
N GLU B 78 -17.49 -32.61 -1.39
CA GLU B 78 -17.44 -33.62 -2.47
C GLU B 78 -18.44 -33.25 -3.54
N GLY B 79 -17.92 -33.26 -4.78
CA GLY B 79 -18.70 -32.96 -5.98
C GLY B 79 -19.22 -31.54 -6.13
N ALA B 80 -18.66 -30.58 -5.38
CA ALA B 80 -19.05 -29.16 -5.49
C ALA B 80 -18.27 -28.47 -6.64
N SER B 81 -18.29 -29.10 -7.82
CA SER B 81 -17.46 -28.66 -8.93
C SER B 81 -17.86 -27.29 -9.47
N GLY B 82 -18.99 -26.78 -9.00
CA GLY B 82 -19.51 -25.50 -9.48
C GLY B 82 -19.08 -24.24 -8.72
N VAL B 83 -18.79 -24.37 -7.43
CA VAL B 83 -18.75 -23.18 -6.57
C VAL B 83 -17.54 -22.31 -6.87
N ASN B 84 -17.75 -21.00 -6.87
CA ASN B 84 -16.69 -20.02 -7.09
C ASN B 84 -16.04 -19.62 -5.78
N GLU B 85 -16.85 -19.41 -4.74
CA GLU B 85 -16.29 -18.83 -3.53
C GLU B 85 -16.86 -19.43 -2.29
N ILE B 86 -15.98 -19.78 -1.37
CA ILE B 86 -16.49 -20.16 -0.08
C ILE B 86 -15.90 -19.23 0.98
N LEU B 87 -16.75 -18.83 1.93
CA LEU B 87 -16.36 -17.88 2.95
C LEU B 87 -16.27 -18.61 4.25
N LEU B 88 -15.08 -18.63 4.83
CA LEU B 88 -14.86 -19.28 6.10
C LEU B 88 -14.45 -18.19 7.08
N THR B 89 -14.46 -16.96 6.62
CA THR B 89 -14.04 -15.89 7.49
C THR B 89 -14.72 -15.95 8.87
N SER B 90 -13.98 -15.50 9.90
CA SER B 90 -14.34 -15.58 11.33
C SER B 90 -14.68 -16.98 11.78
N ASN B 91 -13.72 -17.89 11.77
CA ASN B 91 -13.95 -19.23 12.31
C ASN B 91 -12.80 -19.63 13.19
N ARG B 92 -12.64 -20.92 13.47
CA ARG B 92 -11.67 -21.37 14.50
C ARG B 92 -10.72 -22.43 13.97
N LEU B 93 -10.47 -22.36 12.66
CA LEU B 93 -9.46 -23.21 12.04
C LEU B 93 -8.05 -22.91 12.50
N GLU B 94 -7.40 -23.98 12.91
CA GLU B 94 -6.04 -23.92 13.45
C GLU B 94 -4.96 -24.18 12.41
N ASN B 95 -5.34 -24.83 11.29
CA ASN B 95 -4.49 -24.95 10.10
C ASN B 95 -5.27 -25.40 8.89
N VAL B 96 -4.57 -25.49 7.76
CA VAL B 96 -5.20 -25.82 6.49
C VAL B 96 -4.53 -27.07 5.95
N GLN B 97 -5.28 -27.81 5.13
CA GLN B 97 -4.80 -28.95 4.41
C GLN B 97 -5.68 -29.06 3.20
N HIS B 98 -5.08 -29.34 2.03
CA HIS B 98 -5.83 -29.39 0.77
C HIS B 98 -7.00 -30.36 0.80
N LYS B 99 -6.79 -31.49 1.46
CA LYS B 99 -7.85 -32.44 1.76
C LYS B 99 -9.19 -31.76 2.08
N MET B 100 -9.12 -30.59 2.71
CA MET B 100 -10.33 -29.94 3.18
C MET B 100 -11.10 -29.55 1.97
N PHE B 101 -10.41 -29.27 0.89
CA PHE B 101 -11.07 -28.63 -0.23
C PHE B 101 -11.22 -29.56 -1.42
N LYS B 102 -11.01 -30.85 -1.22
CA LYS B 102 -11.23 -31.79 -2.29
C LYS B 102 -12.67 -31.55 -2.71
N GLY B 103 -12.88 -31.44 -4.03
CA GLY B 103 -14.21 -31.27 -4.57
C GLY B 103 -14.51 -29.89 -5.15
N LEU B 104 -13.84 -28.85 -4.66
CA LEU B 104 -14.05 -27.50 -5.17
C LEU B 104 -13.19 -27.25 -6.42
N GLU B 105 -13.65 -27.73 -7.57
CA GLU B 105 -12.84 -27.74 -8.81
C GLU B 105 -12.66 -26.37 -9.50
N SER B 106 -13.54 -25.44 -9.19
CA SER B 106 -13.55 -24.13 -9.83
C SER B 106 -13.27 -22.98 -8.85
N LEU B 107 -13.22 -23.26 -7.54
CA LEU B 107 -13.02 -22.28 -6.53
C LEU B 107 -12.15 -21.15 -7.03
N LYS B 108 -12.72 -19.94 -7.09
CA LYS B 108 -12.00 -18.71 -7.44
C LYS B 108 -11.63 -17.86 -6.21
N THR B 109 -12.30 -18.09 -5.09
CA THR B 109 -12.14 -17.20 -3.98
C THR B 109 -12.23 -17.99 -2.68
N LEU B 110 -11.19 -17.94 -1.86
CA LEU B 110 -11.23 -18.59 -0.57
C LEU B 110 -10.99 -17.59 0.55
N MET B 111 -12.02 -17.26 1.31
CA MET B 111 -11.83 -16.32 2.38
C MET B 111 -11.51 -17.15 3.59
N LEU B 112 -10.30 -16.97 4.14
CA LEU B 112 -9.92 -17.63 5.39
C LEU B 112 -9.56 -16.64 6.46
N ARG B 113 -9.89 -15.36 6.20
CA ARG B 113 -9.74 -14.25 7.13
C ARG B 113 -10.22 -14.61 8.55
N SER B 114 -9.47 -14.18 9.55
CA SER B 114 -9.90 -14.13 10.96
C SER B 114 -10.21 -15.53 11.47
N ASN B 115 -9.41 -16.49 11.02
CA ASN B 115 -9.40 -17.76 11.68
C ASN B 115 -8.22 -17.79 12.62
N ARG B 116 -7.70 -18.98 12.93
CA ARG B 116 -6.60 -19.12 13.92
C ARG B 116 -5.43 -19.96 13.42
N ILE B 117 -5.20 -19.89 12.11
CA ILE B 117 -4.10 -20.59 11.44
C ILE B 117 -2.71 -20.12 11.96
N THR B 118 -1.92 -21.09 12.44
CA THR B 118 -0.63 -20.78 13.06
C THR B 118 0.54 -20.84 12.10
N CYS B 119 0.36 -21.54 10.98
CA CYS B 119 1.38 -21.57 9.92
C CYS B 119 0.84 -22.06 8.54
N VAL B 120 1.55 -21.74 7.44
CA VAL B 120 1.14 -22.29 6.15
C VAL B 120 2.05 -23.43 5.72
N GLY B 121 1.43 -24.52 5.29
CA GLY B 121 2.20 -25.71 4.92
C GLY B 121 2.73 -25.72 3.50
N ASN B 122 3.73 -26.57 3.27
CA ASN B 122 4.33 -26.67 1.94
C ASN B 122 3.29 -27.22 0.97
N ASP B 123 2.19 -27.75 1.52
CA ASP B 123 1.00 -28.00 0.73
C ASP B 123 -0.30 -27.86 1.56
N SER B 124 -0.46 -26.70 2.14
CA SER B 124 -1.72 -26.38 2.71
C SER B 124 -2.71 -26.10 1.60
N PHE B 125 -2.20 -25.73 0.42
CA PHE B 125 -3.08 -25.22 -0.63
C PHE B 125 -2.96 -25.96 -1.96
N ILE B 126 -2.28 -27.09 -1.94
CA ILE B 126 -2.22 -27.89 -3.14
C ILE B 126 -3.60 -28.08 -3.79
N GLY B 127 -3.63 -28.06 -5.13
CA GLY B 127 -4.84 -28.40 -5.90
C GLY B 127 -5.86 -27.28 -6.14
N LEU B 128 -5.65 -26.13 -5.53
CA LEU B 128 -6.55 -25.02 -5.76
C LEU B 128 -5.99 -24.13 -6.89
N SER B 129 -5.75 -24.76 -8.04
CA SER B 129 -5.14 -24.11 -9.15
C SER B 129 -6.01 -23.03 -9.77
N SER B 130 -7.25 -22.91 -9.32
CA SER B 130 -8.10 -21.87 -9.88
C SER B 130 -8.30 -20.59 -9.05
N VAL B 131 -7.93 -20.62 -7.79
CA VAL B 131 -8.25 -19.48 -6.97
C VAL B 131 -7.41 -18.32 -7.35
N ARG B 132 -8.08 -17.17 -7.46
CA ARG B 132 -7.43 -15.91 -7.71
C ARG B 132 -7.39 -14.96 -6.52
N LEU B 133 -8.02 -15.31 -5.41
CA LEU B 133 -8.00 -14.44 -4.25
C LEU B 133 -8.02 -15.32 -3.07
N LEU B 134 -6.96 -15.29 -2.28
CA LEU B 134 -6.89 -16.04 -1.04
C LEU B 134 -6.55 -15.09 0.10
N SER B 135 -7.40 -14.99 1.14
CA SER B 135 -7.22 -14.02 2.21
C SER B 135 -6.84 -14.83 3.40
N LEU B 136 -5.71 -14.49 4.00
CA LEU B 136 -5.31 -15.06 5.28
C LEU B 136 -5.31 -14.01 6.38
N TYR B 137 -6.00 -12.88 6.11
CA TYR B 137 -5.90 -11.68 6.93
C TYR B 137 -6.26 -12.05 8.38
N ASP B 138 -5.57 -11.47 9.35
CA ASP B 138 -5.93 -11.58 10.76
C ASP B 138 -6.01 -13.00 11.21
N ASN B 139 -5.02 -13.79 10.80
CA ASN B 139 -4.77 -15.04 11.48
C ASN B 139 -3.65 -14.95 12.49
N GLN B 140 -2.82 -15.96 12.51
CA GLN B 140 -1.91 -16.14 13.61
C GLN B 140 -0.64 -16.76 13.11
N ILE B 141 -0.34 -16.46 11.83
CA ILE B 141 0.68 -17.17 11.11
C ILE B 141 2.05 -16.63 11.44
N THR B 142 3.01 -17.53 11.55
CA THR B 142 4.30 -17.29 12.16
C THR B 142 5.37 -17.47 11.12
N THR B 143 5.29 -18.57 10.37
CA THR B 143 6.10 -18.74 9.14
C THR B 143 5.31 -19.39 8.02
N VAL B 144 6.00 -19.55 6.89
CA VAL B 144 5.42 -20.05 5.68
C VAL B 144 6.50 -20.90 5.05
N ALA B 145 6.22 -22.18 4.87
CA ALA B 145 7.15 -23.07 4.21
C ALA B 145 7.39 -22.58 2.79
N PRO B 146 8.62 -22.73 2.27
CA PRO B 146 9.01 -22.47 0.86
C PRO B 146 8.13 -23.11 -0.25
N GLY B 147 7.62 -22.28 -1.15
CA GLY B 147 6.83 -22.74 -2.29
C GLY B 147 5.40 -23.08 -1.92
N ALA B 148 4.97 -22.63 -0.75
CA ALA B 148 3.63 -22.91 -0.24
C ALA B 148 2.61 -22.43 -1.23
N PHE B 149 3.03 -21.48 -2.06
CA PHE B 149 2.10 -20.82 -2.95
C PHE B 149 2.35 -21.17 -4.41
N ASP B 150 3.52 -21.71 -4.70
CA ASP B 150 3.87 -22.10 -6.08
C ASP B 150 2.76 -22.86 -6.82
N THR B 151 1.95 -23.61 -6.07
CA THR B 151 0.90 -24.45 -6.66
C THR B 151 -0.19 -23.57 -7.28
N LEU B 152 -0.62 -22.52 -6.56
CA LEU B 152 -1.76 -21.63 -6.89
C LEU B 152 -1.58 -20.81 -8.15
N HIS B 153 -1.73 -21.41 -9.32
CA HIS B 153 -1.32 -20.78 -10.58
C HIS B 153 -2.12 -19.57 -11.02
N SER B 154 -3.29 -19.38 -10.36
CA SER B 154 -4.23 -18.34 -10.74
C SER B 154 -4.21 -17.15 -9.81
N LEU B 155 -3.40 -17.28 -8.78
CA LEU B 155 -3.38 -16.31 -7.69
C LEU B 155 -3.05 -14.89 -8.17
N SER B 156 -3.91 -13.92 -7.81
CA SER B 156 -3.70 -12.51 -8.09
C SER B 156 -3.79 -11.58 -6.86
N THR B 157 -4.60 -12.01 -5.87
CA THR B 157 -4.71 -11.29 -4.62
C THR B 157 -4.49 -12.25 -3.47
N LEU B 158 -3.39 -12.04 -2.72
CA LEU B 158 -3.11 -12.81 -1.52
C LEU B 158 -2.98 -11.87 -0.35
N ASN B 159 -3.87 -11.96 0.63
CA ASN B 159 -3.82 -11.02 1.73
C ASN B 159 -3.14 -11.69 2.87
N LEU B 160 -1.91 -11.31 3.15
CA LEU B 160 -1.25 -11.83 4.31
C LEU B 160 -1.30 -10.95 5.55
N LEU B 161 -1.79 -9.71 5.43
CA LEU B 161 -1.68 -8.70 6.49
C LEU B 161 -2.22 -9.15 7.84
N ALA B 162 -1.70 -8.61 8.93
CA ALA B 162 -2.22 -8.88 10.29
C ALA B 162 -1.95 -10.27 10.84
N ASN B 163 -0.73 -10.75 10.58
CA ASN B 163 -0.20 -11.96 11.16
C ASN B 163 1.17 -11.75 11.80
N PRO B 164 1.43 -12.44 12.93
CA PRO B 164 2.67 -12.24 13.64
C PRO B 164 3.85 -12.99 12.99
N PHE B 165 4.24 -12.52 11.81
CA PHE B 165 5.36 -13.12 11.10
C PHE B 165 6.63 -13.00 11.90
N ASN B 166 7.34 -14.10 12.05
CA ASN B 166 8.65 -14.13 12.66
C ASN B 166 9.68 -14.07 11.57
N CYS B 167 10.43 -13.00 11.46
CA CYS B 167 11.42 -12.96 10.40
C CYS B 167 12.73 -13.61 10.79
N ASN B 168 12.65 -14.91 11.01
CA ASN B 168 13.84 -15.68 11.30
C ASN B 168 14.39 -16.21 9.99
N CYS B 169 15.49 -16.92 10.03
CA CYS B 169 16.04 -17.46 8.82
C CYS B 169 14.99 -18.29 8.03
N TYR B 170 13.97 -18.79 8.72
CA TYR B 170 13.04 -19.70 8.11
C TYR B 170 12.21 -18.97 7.07
N LEU B 171 12.16 -17.64 7.19
CA LEU B 171 11.26 -16.83 6.39
C LEU B 171 12.03 -15.94 5.44
N ALA B 172 13.35 -16.13 5.38
CA ALA B 172 14.16 -15.40 4.41
C ALA B 172 13.56 -15.42 2.99
N TRP B 173 13.31 -16.63 2.47
CA TRP B 173 12.70 -16.88 1.16
C TRP B 173 11.43 -16.06 0.87
N LEU B 174 10.60 -15.80 1.90
CA LEU B 174 9.31 -15.12 1.68
C LEU B 174 9.51 -13.70 1.28
N GLY B 175 10.55 -13.09 1.83
CA GLY B 175 11.03 -11.79 1.36
C GLY B 175 11.17 -11.77 -0.16
N GLU B 176 12.13 -12.53 -0.70
CA GLU B 176 12.33 -12.67 -2.15
C GLU B 176 11.02 -12.88 -2.87
N TRP B 177 10.28 -13.91 -2.48
CA TRP B 177 9.08 -14.28 -3.20
C TRP B 177 8.23 -13.01 -3.34
N LEU B 178 8.14 -12.25 -2.26
CA LEU B 178 7.21 -11.16 -2.28
C LEU B 178 7.62 -10.12 -3.28
N ARG B 179 8.90 -9.88 -3.38
CA ARG B 179 9.26 -8.79 -4.23
C ARG B 179 9.31 -9.22 -5.68
N LYS B 180 9.29 -10.53 -5.93
CA LYS B 180 9.43 -11.03 -7.31
C LYS B 180 8.08 -11.36 -7.99
N LYS B 181 7.13 -11.85 -7.18
CA LYS B 181 5.75 -12.10 -7.63
C LYS B 181 4.90 -10.83 -7.55
N ARG B 182 4.67 -10.19 -8.71
CA ARG B 182 3.72 -9.08 -8.84
C ARG B 182 2.33 -9.59 -8.43
N ILE B 183 2.02 -9.62 -7.14
CA ILE B 183 0.70 -10.11 -6.66
C ILE B 183 0.35 -9.37 -5.39
N VAL B 184 -0.88 -8.86 -5.37
CA VAL B 184 -1.31 -7.91 -4.33
C VAL B 184 -1.31 -8.52 -2.93
N THR B 185 -0.53 -7.92 -2.03
CA THR B 185 -0.37 -8.57 -0.75
C THR B 185 -0.72 -7.63 0.43
N GLY B 186 -0.63 -6.32 0.13
CA GLY B 186 -0.79 -5.28 1.15
C GLY B 186 0.47 -4.98 1.97
N ASN B 187 1.53 -5.81 1.76
CA ASN B 187 2.87 -5.53 2.23
C ASN B 187 3.12 -5.94 3.68
N PRO B 188 3.14 -7.26 3.97
CA PRO B 188 3.10 -7.81 5.33
C PRO B 188 4.34 -7.44 6.08
N ARG B 189 4.20 -7.26 7.41
CA ARG B 189 5.28 -6.79 8.28
C ARG B 189 5.76 -7.86 9.26
N CYS B 190 7.08 -7.86 9.53
CA CYS B 190 7.67 -8.72 10.53
C CYS B 190 7.17 -8.30 11.90
N GLN B 191 6.96 -9.26 12.80
CA GLN B 191 6.52 -8.93 14.14
C GLN B 191 7.52 -9.32 15.22
N LYS B 192 8.34 -10.33 14.91
CA LYS B 192 9.57 -10.68 15.64
C LYS B 192 10.61 -10.71 14.54
N PRO B 193 11.90 -10.54 14.88
CA PRO B 193 12.40 -10.20 16.19
C PRO B 193 12.21 -8.73 16.46
N TYR B 194 12.25 -8.35 17.73
CA TYR B 194 12.08 -6.96 18.16
C TYR B 194 12.69 -5.91 17.19
N PHE B 195 13.93 -6.09 16.76
CA PHE B 195 14.64 -5.07 15.99
C PHE B 195 14.10 -4.83 14.59
N LEU B 196 13.11 -5.62 14.16
CA LEU B 196 12.53 -5.58 12.81
C LEU B 196 11.03 -5.46 12.90
N LYS B 197 10.50 -5.31 14.11
CA LYS B 197 9.03 -5.28 14.29
C LYS B 197 8.36 -4.16 13.52
N GLU B 198 7.33 -4.50 12.75
CA GLU B 198 6.58 -3.54 11.93
C GLU B 198 7.30 -3.05 10.65
N ILE B 199 8.30 -3.80 10.19
CA ILE B 199 8.98 -3.50 8.96
C ILE B 199 8.50 -4.54 7.94
N PRO B 200 8.30 -4.13 6.69
CA PRO B 200 7.72 -5.09 5.78
C PRO B 200 8.72 -6.18 5.44
N ILE B 201 8.24 -7.42 5.43
CA ILE B 201 9.08 -8.60 5.18
C ILE B 201 9.96 -8.42 3.96
N GLN B 202 9.35 -7.95 2.86
CA GLN B 202 10.05 -7.83 1.60
C GLN B 202 11.22 -6.88 1.67
N ASP B 203 11.24 -6.03 2.70
CA ASP B 203 12.26 -5.02 2.85
C ASP B 203 13.58 -5.42 3.48
N VAL B 204 13.51 -6.37 4.41
CA VAL B 204 14.66 -6.77 5.21
C VAL B 204 15.76 -7.42 4.39
N ALA B 205 17.01 -7.07 4.69
CA ALA B 205 18.16 -7.60 3.99
C ALA B 205 18.45 -9.07 4.31
N ILE B 206 19.01 -9.82 3.34
CA ILE B 206 19.10 -11.26 3.45
C ILE B 206 19.73 -11.51 4.82
N GLN B 207 20.68 -10.66 5.14
CA GLN B 207 21.52 -10.86 6.33
C GLN B 207 20.88 -10.89 7.72
N ASP B 208 19.68 -10.34 7.82
CA ASP B 208 18.98 -10.15 9.11
C ASP B 208 17.89 -11.18 9.43
N PHE B 209 17.59 -12.07 8.49
CA PHE B 209 16.83 -13.24 8.81
C PHE B 209 17.85 -14.19 9.44
N THR B 210 17.76 -14.41 10.75
CA THR B 210 18.79 -15.21 11.42
C THR B 210 18.33 -15.98 12.62
N CYS B 211 17.46 -16.97 12.41
CA CYS B 211 17.07 -17.90 13.50
C CYS B 211 18.31 -18.27 14.35
N ASP B 212 18.16 -18.12 15.66
CA ASP B 212 19.35 -17.94 16.52
C ASP B 212 19.97 -19.23 17.11
N ASP B 213 20.69 -19.97 16.27
CA ASP B 213 21.42 -21.20 16.67
C ASP B 213 20.54 -22.24 17.40
N ALA C 4 62.77 -19.12 -22.89
CA ALA C 4 62.79 -17.64 -22.61
C ALA C 4 61.38 -17.03 -22.67
N CYS C 5 61.13 -16.05 -21.82
CA CYS C 5 59.82 -15.42 -21.67
C CYS C 5 59.38 -14.56 -22.89
N PRO C 6 58.14 -14.78 -23.40
CA PRO C 6 57.67 -13.97 -24.52
C PRO C 6 57.47 -12.52 -24.09
N GLU C 7 57.62 -11.60 -25.04
CA GLU C 7 57.84 -10.17 -24.74
C GLU C 7 56.90 -9.51 -23.72
N LYS C 8 55.60 -9.67 -23.92
CA LYS C 8 54.65 -8.93 -23.12
C LYS C 8 54.26 -9.71 -21.85
N CYS C 9 54.81 -10.92 -21.71
CA CYS C 9 54.42 -11.82 -20.63
C CYS C 9 55.36 -11.77 -19.42
N ARG C 10 55.03 -12.56 -18.40
CA ARG C 10 55.82 -12.75 -17.17
C ARG C 10 55.86 -14.24 -16.82
N CYS C 11 57.07 -14.78 -16.65
CA CYS C 11 57.29 -16.22 -16.53
C CYS C 11 57.87 -16.64 -15.19
N GLU C 12 56.99 -17.10 -14.30
CA GLU C 12 57.35 -17.42 -12.93
C GLU C 12 57.09 -18.90 -12.66
N GLY C 13 58.15 -19.70 -12.68
CA GLY C 13 58.01 -21.15 -12.58
C GLY C 13 57.49 -21.76 -13.88
N THR C 14 56.40 -22.49 -13.80
CA THR C 14 55.85 -23.13 -14.98
C THR C 14 54.59 -22.41 -15.50
N THR C 15 54.41 -21.16 -15.04
CA THR C 15 53.28 -20.31 -15.45
C THR C 15 53.76 -19.16 -16.34
N VAL C 16 53.12 -19.01 -17.49
CA VAL C 16 53.36 -17.90 -18.38
C VAL C 16 52.17 -16.93 -18.30
N ASP C 17 52.43 -15.74 -17.76
CA ASP C 17 51.36 -14.79 -17.50
C ASP C 17 51.35 -13.66 -18.49
N CYS C 18 50.30 -13.57 -19.30
CA CYS C 18 50.19 -12.49 -20.25
C CYS C 18 48.93 -11.68 -20.02
N SER C 19 48.59 -11.48 -18.74
CA SER C 19 47.48 -10.63 -18.24
C SER C 19 47.61 -9.15 -18.62
N ASN C 20 46.47 -8.46 -18.73
CA ASN C 20 46.36 -6.99 -18.90
C ASN C 20 47.41 -6.44 -19.78
N GLN C 21 47.35 -6.78 -21.06
CA GLN C 21 48.37 -6.31 -21.97
C GLN C 21 47.83 -5.80 -23.29
N LYS C 22 46.50 -5.71 -23.37
CA LYS C 22 45.81 -5.16 -24.53
C LYS C 22 46.16 -6.00 -25.76
N LEU C 23 46.00 -7.32 -25.62
CA LEU C 23 46.41 -8.26 -26.66
C LEU C 23 45.32 -8.81 -27.59
N ASN C 24 45.70 -9.02 -28.84
CA ASN C 24 44.83 -9.55 -29.89
C ASN C 24 45.09 -11.00 -30.18
N LYS C 25 46.38 -11.33 -30.23
CA LYS C 25 46.89 -12.60 -30.75
C LYS C 25 47.79 -13.15 -29.67
N ILE C 26 47.79 -14.49 -29.52
CA ILE C 26 48.68 -15.17 -28.59
C ILE C 26 50.19 -14.86 -28.85
N PRO C 27 50.95 -14.49 -27.79
CA PRO C 27 52.33 -14.10 -27.95
C PRO C 27 53.22 -15.11 -28.67
N GLU C 28 54.31 -14.55 -29.20
CA GLU C 28 55.21 -15.21 -30.14
C GLU C 28 55.80 -16.56 -29.77
N HIS C 29 56.66 -16.61 -28.76
CA HIS C 29 57.35 -17.85 -28.47
C HIS C 29 57.07 -18.36 -27.08
N ILE C 30 55.96 -19.09 -26.96
CA ILE C 30 55.53 -19.67 -25.69
C ILE C 30 56.37 -20.89 -25.35
N PRO C 31 57.09 -20.82 -24.23
CA PRO C 31 58.12 -21.80 -23.94
C PRO C 31 57.56 -23.20 -23.83
N GLN C 32 58.32 -24.17 -24.34
CA GLN C 32 57.85 -25.54 -24.49
C GLN C 32 57.52 -26.20 -23.13
N TYR C 33 58.14 -25.71 -22.06
CA TYR C 33 57.92 -26.28 -20.74
C TYR C 33 56.59 -25.86 -20.08
N THR C 34 55.89 -24.88 -20.66
CA THR C 34 54.85 -24.14 -19.93
C THR C 34 53.65 -24.99 -19.51
N ALA C 35 53.10 -24.71 -18.35
CA ALA C 35 52.01 -25.53 -17.82
C ALA C 35 50.68 -24.78 -17.59
N GLU C 36 50.75 -23.46 -17.47
CA GLU C 36 49.55 -22.63 -17.38
C GLU C 36 49.74 -21.37 -18.23
N LEU C 37 48.92 -21.20 -19.26
CA LEU C 37 48.99 -19.99 -20.09
C LEU C 37 47.84 -19.10 -19.71
N ARG C 38 48.18 -17.85 -19.37
CA ARG C 38 47.19 -16.91 -18.86
C ARG C 38 47.03 -15.79 -19.85
N LEU C 39 45.88 -15.69 -20.51
CA LEU C 39 45.64 -14.67 -21.54
C LEU C 39 44.50 -13.76 -21.14
N ASN C 40 44.10 -13.91 -19.88
CA ASN C 40 42.94 -13.24 -19.35
C ASN C 40 43.14 -11.72 -19.29
N ASN C 41 42.03 -11.01 -19.17
CA ASN C 41 42.02 -9.56 -19.09
C ASN C 41 42.73 -8.84 -20.25
N ASN C 42 42.47 -9.31 -21.47
CA ASN C 42 43.00 -8.69 -22.66
C ASN C 42 41.88 -8.29 -23.53
N GLU C 43 42.19 -7.99 -24.79
CA GLU C 43 41.13 -7.70 -25.74
C GLU C 43 41.21 -8.59 -26.96
N PHE C 44 41.02 -9.89 -26.71
CA PHE C 44 40.83 -10.85 -27.76
C PHE C 44 39.42 -10.70 -28.31
N THR C 45 39.30 -10.75 -29.63
CA THR C 45 37.99 -10.68 -30.30
C THR C 45 37.55 -12.04 -30.83
N VAL C 46 38.45 -12.72 -31.52
CA VAL C 46 38.14 -14.02 -32.10
C VAL C 46 39.34 -14.92 -31.92
N LEU C 47 39.09 -16.18 -31.56
CA LEU C 47 40.15 -17.15 -31.37
C LEU C 47 40.39 -17.94 -32.65
N GLU C 48 41.52 -17.68 -33.30
CA GLU C 48 41.82 -18.27 -34.59
C GLU C 48 42.49 -19.64 -34.55
N ALA C 49 42.43 -20.35 -35.68
CA ALA C 49 43.13 -21.60 -35.87
C ALA C 49 44.63 -21.36 -35.71
N THR C 50 45.27 -22.00 -34.74
CA THR C 50 46.66 -21.67 -34.44
C THR C 50 47.67 -22.80 -34.61
N GLY C 51 47.36 -23.97 -34.07
CA GLY C 51 48.31 -25.07 -34.02
C GLY C 51 49.62 -24.82 -33.27
N ILE C 52 49.67 -23.78 -32.41
CA ILE C 52 50.85 -23.60 -31.54
C ILE C 52 50.76 -24.57 -30.37
N PHE C 53 49.54 -25.07 -30.14
CA PHE C 53 49.27 -26.00 -29.06
C PHE C 53 49.74 -27.40 -29.38
N LYS C 54 50.09 -27.59 -30.63
CA LYS C 54 50.67 -28.84 -31.06
C LYS C 54 51.97 -29.18 -30.32
N LYS C 55 52.77 -28.17 -30.00
CA LYS C 55 54.04 -28.43 -29.31
C LYS C 55 54.14 -27.78 -27.92
N LEU C 56 53.06 -27.90 -27.13
CA LEU C 56 53.06 -27.50 -25.72
C LEU C 56 52.52 -28.63 -24.86
N PRO C 57 53.31 -29.72 -24.71
CA PRO C 57 52.78 -30.98 -24.19
C PRO C 57 52.64 -30.95 -22.67
N GLN C 58 53.16 -29.88 -22.06
CA GLN C 58 53.06 -29.66 -20.61
C GLN C 58 51.81 -28.88 -20.15
N LEU C 59 51.23 -28.09 -21.06
CA LEU C 59 50.16 -27.15 -20.79
C LEU C 59 48.95 -27.87 -20.29
N ARG C 60 48.42 -27.46 -19.12
CA ARG C 60 47.24 -28.11 -18.53
C ARG C 60 46.08 -27.14 -18.32
N LYS C 61 46.35 -25.84 -18.40
CA LYS C 61 45.30 -24.87 -18.10
C LYS C 61 45.50 -23.66 -19.01
N ILE C 62 44.43 -23.08 -19.51
CA ILE C 62 44.52 -21.85 -20.32
C ILE C 62 43.47 -20.84 -19.93
N ASN C 63 43.86 -19.61 -19.61
CA ASN C 63 42.87 -18.66 -19.13
C ASN C 63 42.51 -17.52 -20.06
N PHE C 64 41.33 -17.60 -20.66
CA PHE C 64 40.86 -16.56 -21.61
C PHE C 64 39.80 -15.64 -20.98
N SER C 65 39.66 -15.69 -19.65
CA SER C 65 38.66 -14.93 -18.95
C SER C 65 38.73 -13.47 -19.34
N ASN C 66 37.58 -12.78 -19.29
CA ASN C 66 37.55 -11.31 -19.44
C ASN C 66 38.28 -10.80 -20.67
N ASN C 67 37.94 -11.40 -21.81
CA ASN C 67 38.19 -10.77 -23.07
C ASN C 67 36.87 -10.33 -23.68
N LYS C 68 36.86 -10.17 -25.00
CA LYS C 68 35.63 -9.93 -25.70
C LYS C 68 35.60 -10.79 -26.95
N ILE C 69 35.54 -12.11 -26.70
CA ILE C 69 35.56 -13.14 -27.71
C ILE C 69 34.15 -13.44 -28.18
N THR C 70 33.87 -13.12 -29.44
CA THR C 70 32.59 -13.52 -30.07
C THR C 70 32.60 -14.93 -30.74
N ASP C 71 33.71 -15.31 -31.36
CA ASP C 71 33.81 -16.60 -32.10
C ASP C 71 35.08 -17.39 -31.79
N ILE C 72 34.97 -18.72 -31.87
CA ILE C 72 36.12 -19.60 -31.81
C ILE C 72 36.10 -20.47 -33.04
N GLU C 73 37.18 -20.40 -33.80
CA GLU C 73 37.32 -21.08 -35.09
C GLU C 73 37.65 -22.54 -34.81
N GLU C 74 37.33 -23.41 -35.78
CA GLU C 74 37.65 -24.82 -35.65
C GLU C 74 39.15 -25.00 -35.67
N GLY C 75 39.73 -25.49 -34.59
CA GLY C 75 41.17 -25.67 -34.52
C GLY C 75 41.93 -24.58 -33.78
N ALA C 76 41.23 -23.78 -33.00
CA ALA C 76 41.90 -22.80 -32.19
C ALA C 76 42.68 -23.59 -31.15
N PHE C 77 42.32 -24.86 -31.04
CA PHE C 77 42.84 -25.76 -30.03
C PHE C 77 43.34 -27.09 -30.61
N GLU C 78 43.75 -27.07 -31.87
CA GLU C 78 44.26 -28.27 -32.50
C GLU C 78 45.45 -28.80 -31.71
N GLY C 79 45.39 -30.09 -31.43
CA GLY C 79 46.49 -30.79 -30.81
C GLY C 79 46.74 -30.43 -29.36
N ALA C 80 45.80 -29.76 -28.73
CA ALA C 80 45.93 -29.47 -27.30
C ALA C 80 45.46 -30.65 -26.43
N SER C 81 45.99 -31.85 -26.72
CA SER C 81 45.49 -33.09 -26.09
C SER C 81 45.73 -33.13 -24.59
N GLY C 82 46.52 -32.19 -24.08
CA GLY C 82 46.92 -32.19 -22.69
C GLY C 82 46.04 -31.44 -21.71
N VAL C 83 45.39 -30.36 -22.17
CA VAL C 83 44.84 -29.35 -21.25
C VAL C 83 43.65 -29.92 -20.50
N ASN C 84 43.59 -29.60 -19.19
CA ASN C 84 42.47 -29.93 -18.27
C ASN C 84 41.40 -28.91 -18.28
N GLU C 85 41.78 -27.65 -18.26
CA GLU C 85 40.74 -26.65 -18.13
C GLU C 85 40.96 -25.46 -18.96
N ILE C 86 39.91 -25.04 -19.66
CA ILE C 86 39.93 -23.75 -20.26
C ILE C 86 38.83 -22.84 -19.66
N LEU C 87 39.21 -21.62 -19.39
CA LEU C 87 38.31 -20.63 -18.86
C LEU C 87 37.96 -19.66 -19.96
N LEU C 88 36.67 -19.58 -20.30
CA LEU C 88 36.19 -18.61 -21.24
C LEU C 88 35.31 -17.60 -20.54
N THR C 89 35.24 -17.71 -19.22
CA THR C 89 34.34 -16.87 -18.43
C THR C 89 34.49 -15.39 -18.73
N SER C 90 33.37 -14.65 -18.69
CA SER C 90 33.27 -13.25 -19.11
C SER C 90 33.75 -12.96 -20.53
N ASN C 91 32.98 -13.41 -21.51
CA ASN C 91 33.29 -13.13 -22.92
C ASN C 91 32.00 -12.86 -23.66
N ARG C 92 32.03 -12.86 -24.99
CA ARG C 92 30.83 -12.52 -25.74
C ARG C 92 30.36 -13.60 -26.73
N LEU C 93 30.57 -14.87 -26.35
CA LEU C 93 30.03 -16.00 -27.10
C LEU C 93 28.51 -16.02 -27.08
N GLU C 94 27.95 -16.13 -28.27
CA GLU C 94 26.51 -16.10 -28.52
C GLU C 94 25.93 -17.52 -28.68
N ASN C 95 26.80 -18.49 -29.02
CA ASN C 95 26.48 -19.92 -28.93
C ASN C 95 27.69 -20.80 -28.99
N VAL C 96 27.45 -22.10 -28.87
CA VAL C 96 28.51 -23.09 -28.85
C VAL C 96 28.36 -24.09 -30.02
N GLN C 97 29.47 -24.71 -30.40
CA GLN C 97 29.45 -25.80 -31.33
C GLN C 97 30.69 -26.58 -30.96
N HIS C 98 30.56 -27.91 -30.94
CA HIS C 98 31.68 -28.78 -30.61
C HIS C 98 32.96 -28.50 -31.44
N LYS C 99 32.79 -28.17 -32.72
CA LYS C 99 33.88 -27.71 -33.60
C LYS C 99 34.86 -26.75 -32.88
N MET C 100 34.35 -25.99 -31.91
CA MET C 100 35.16 -25.02 -31.21
C MET C 100 36.22 -25.72 -30.42
N PHE C 101 35.88 -26.90 -29.95
CA PHE C 101 36.74 -27.58 -29.02
C PHE C 101 37.45 -28.81 -29.57
N LYS C 102 37.46 -28.94 -30.89
CA LYS C 102 38.22 -30.01 -31.52
C LYS C 102 39.65 -29.82 -31.03
N GLY C 103 40.25 -30.92 -30.58
CA GLY C 103 41.62 -30.93 -30.10
C GLY C 103 41.76 -31.09 -28.60
N LEU C 104 40.75 -30.67 -27.84
CA LEU C 104 40.83 -30.72 -26.40
C LEU C 104 40.41 -32.12 -25.95
N GLU C 105 41.35 -33.07 -25.99
CA GLU C 105 41.02 -34.48 -25.78
C GLU C 105 40.80 -34.90 -24.32
N SER C 106 41.30 -34.08 -23.40
CA SER C 106 41.30 -34.43 -21.98
C SER C 106 40.54 -33.41 -21.15
N LEU C 107 40.01 -32.37 -21.78
CA LEU C 107 39.33 -31.30 -21.06
C LEU C 107 38.44 -31.86 -19.94
N LYS C 108 38.76 -31.46 -18.71
CA LYS C 108 37.97 -31.76 -17.49
C LYS C 108 37.04 -30.61 -17.05
N THR C 109 37.36 -29.39 -17.44
CA THR C 109 36.66 -28.26 -16.94
C THR C 109 36.44 -27.23 -18.03
N LEU C 110 35.21 -26.80 -18.24
CA LEU C 110 34.99 -25.80 -19.25
C LEU C 110 34.17 -24.72 -18.61
N MET C 111 34.80 -23.58 -18.35
CA MET C 111 34.09 -22.46 -17.77
C MET C 111 33.55 -21.59 -18.88
N LEU C 112 32.23 -21.58 -19.04
CA LEU C 112 31.61 -20.73 -20.05
C LEU C 112 30.73 -19.66 -19.42
N ARG C 113 30.96 -19.44 -18.13
CA ARG C 113 30.18 -18.53 -17.26
C ARG C 113 30.18 -17.11 -17.78
N SER C 114 29.03 -16.45 -17.73
CA SER C 114 28.92 -15.00 -18.07
C SER C 114 29.28 -14.64 -19.51
N ASN C 115 28.85 -15.50 -20.43
CA ASN C 115 28.91 -15.17 -21.82
C ASN C 115 27.51 -14.77 -22.20
N ARG C 116 27.16 -14.95 -23.47
CA ARG C 116 25.85 -14.53 -23.93
C ARG C 116 25.06 -15.62 -24.64
N ILE C 117 25.36 -16.87 -24.31
CA ILE C 117 24.79 -17.99 -25.04
C ILE C 117 23.25 -17.98 -25.00
N THR C 118 22.59 -18.00 -26.15
CA THR C 118 21.13 -17.88 -26.18
C THR C 118 20.38 -19.19 -26.07
N CYS C 119 21.07 -20.31 -26.34
CA CYS C 119 20.46 -21.65 -26.32
C CYS C 119 21.53 -22.73 -26.39
N VAL C 120 21.19 -23.94 -25.98
CA VAL C 120 22.13 -25.04 -26.09
C VAL C 120 21.62 -25.99 -27.14
N GLY C 121 22.52 -26.38 -28.04
CA GLY C 121 22.20 -27.28 -29.14
C GLY C 121 22.28 -28.77 -28.87
N ASN C 122 21.55 -29.50 -29.71
CA ASN C 122 21.46 -30.96 -29.62
C ASN C 122 22.84 -31.56 -29.69
N ASP C 123 23.79 -30.78 -30.19
CA ASP C 123 25.20 -31.13 -30.13
C ASP C 123 26.11 -29.90 -30.04
N SER C 124 25.80 -29.04 -29.08
CA SER C 124 26.71 -27.94 -28.77
C SER C 124 27.94 -28.46 -28.10
N PHE C 125 27.81 -29.62 -27.44
CA PHE C 125 28.89 -30.20 -26.60
C PHE C 125 29.37 -31.58 -26.99
N ILE C 126 29.03 -32.03 -28.19
CA ILE C 126 29.46 -33.32 -28.64
C ILE C 126 30.97 -33.45 -28.47
N GLY C 127 31.43 -34.64 -28.11
CA GLY C 127 32.88 -34.94 -28.10
C GLY C 127 33.70 -34.53 -26.90
N LEU C 128 33.07 -33.84 -25.94
CA LEU C 128 33.74 -33.52 -24.69
C LEU C 128 33.43 -34.57 -23.65
N SER C 129 33.74 -35.82 -23.96
CA SER C 129 33.38 -36.94 -23.12
C SER C 129 34.14 -36.97 -21.79
N SER C 130 35.15 -36.14 -21.64
CA SER C 130 35.89 -36.15 -20.39
C SER C 130 35.58 -35.03 -19.35
N VAL C 131 34.88 -33.97 -19.77
CA VAL C 131 34.61 -32.90 -18.82
C VAL C 131 33.67 -33.33 -17.72
N ARG C 132 34.07 -32.95 -16.50
CA ARG C 132 33.31 -33.20 -15.30
C ARG C 132 32.71 -31.92 -14.69
N LEU C 133 33.08 -30.76 -15.22
CA LEU C 133 32.46 -29.53 -14.73
C LEU C 133 32.24 -28.53 -15.84
N LEU C 134 30.97 -28.25 -16.15
CA LEU C 134 30.66 -27.29 -17.20
C LEU C 134 29.74 -26.19 -16.68
N SER C 135 30.21 -24.95 -16.68
CA SER C 135 29.47 -23.86 -16.07
C SER C 135 28.79 -23.06 -17.13
N LEU C 136 27.48 -22.91 -17.05
CA LEU C 136 26.75 -22.07 -18.00
C LEU C 136 26.11 -20.91 -17.27
N TYR C 137 26.61 -20.66 -16.07
CA TYR C 137 26.05 -19.64 -15.22
C TYR C 137 26.01 -18.30 -15.92
N ASP C 138 24.90 -17.57 -15.73
CA ASP C 138 24.78 -16.16 -16.14
C ASP C 138 25.00 -16.00 -17.59
N ASN C 139 24.36 -16.87 -18.35
CA ASN C 139 24.22 -16.63 -19.78
C ASN C 139 22.83 -16.11 -20.11
N GLN C 140 22.25 -16.60 -21.17
CA GLN C 140 21.08 -15.94 -21.72
C GLN C 140 20.25 -17.05 -22.34
N ILE C 141 20.29 -18.20 -21.69
CA ILE C 141 19.78 -19.41 -22.30
C ILE C 141 18.28 -19.48 -22.12
N THR C 142 17.60 -19.87 -23.18
CA THR C 142 16.17 -19.82 -23.25
C THR C 142 15.60 -21.23 -23.28
N THR C 143 16.10 -22.08 -24.20
CA THR C 143 15.81 -23.51 -24.13
C THR C 143 17.05 -24.36 -24.35
N VAL C 144 16.88 -25.66 -24.23
CA VAL C 144 17.96 -26.59 -24.36
C VAL C 144 17.35 -27.72 -25.15
N ALA C 145 17.93 -28.07 -26.29
CA ALA C 145 17.45 -29.20 -27.06
C ALA C 145 17.62 -30.51 -26.28
N PRO C 146 16.69 -31.47 -26.46
CA PRO C 146 16.71 -32.82 -25.89
C PRO C 146 18.03 -33.52 -26.06
N GLY C 147 18.56 -34.05 -24.97
CA GLY C 147 19.78 -34.85 -24.99
C GLY C 147 21.05 -34.07 -25.31
N ALA C 148 20.97 -32.76 -25.05
CA ALA C 148 22.09 -31.86 -25.32
C ALA C 148 23.26 -32.25 -24.46
N PHE C 149 22.98 -33.04 -23.42
CA PHE C 149 24.01 -33.38 -22.47
C PHE C 149 24.34 -34.88 -22.49
N ASP C 150 23.46 -35.71 -23.04
CA ASP C 150 23.67 -37.16 -23.04
C ASP C 150 25.11 -37.54 -23.39
N THR C 151 25.71 -36.75 -24.29
CA THR C 151 27.08 -36.99 -24.80
C THR C 151 28.14 -36.98 -23.69
N LEU C 152 28.05 -35.97 -22.81
CA LEU C 152 29.01 -35.69 -21.72
C LEU C 152 29.03 -36.79 -20.63
N HIS C 153 29.73 -37.88 -20.90
CA HIS C 153 29.62 -39.04 -20.02
C HIS C 153 30.23 -38.80 -18.65
N SER C 154 31.09 -37.78 -18.54
CA SER C 154 31.88 -37.60 -17.30
C SER C 154 31.32 -36.52 -16.37
N LEU C 155 30.24 -35.87 -16.86
CA LEU C 155 29.63 -34.70 -16.21
C LEU C 155 29.13 -34.93 -14.78
N SER C 156 29.62 -34.12 -13.85
CA SER C 156 29.14 -34.20 -12.47
C SER C 156 28.66 -32.87 -11.91
N THR C 157 29.14 -31.78 -12.47
CA THR C 157 28.70 -30.48 -12.03
C THR C 157 28.37 -29.61 -13.20
N LEU C 158 27.09 -29.35 -13.40
CA LEU C 158 26.69 -28.48 -14.51
C LEU C 158 25.98 -27.29 -13.88
N ASN C 159 26.52 -26.09 -14.00
CA ASN C 159 25.80 -24.98 -13.41
C ASN C 159 24.90 -24.29 -14.39
N LEU C 160 23.61 -24.53 -14.28
CA LEU C 160 22.65 -23.83 -15.14
C LEU C 160 22.09 -22.48 -14.62
N LEU C 161 22.34 -22.14 -13.36
CA LEU C 161 21.69 -20.99 -12.75
C LEU C 161 21.95 -19.68 -13.45
N ALA C 162 21.02 -18.75 -13.30
CA ALA C 162 21.04 -17.36 -13.85
C ALA C 162 20.90 -17.30 -15.37
N ASN C 163 19.94 -18.06 -15.89
CA ASN C 163 19.49 -17.98 -17.27
C ASN C 163 17.96 -17.84 -17.37
N PRO C 164 17.48 -17.08 -18.37
CA PRO C 164 16.04 -16.85 -18.51
C PRO C 164 15.30 -18.01 -19.18
N PHE C 165 15.31 -19.17 -18.52
CA PHE C 165 14.69 -20.38 -19.07
C PHE C 165 13.22 -20.12 -19.32
N ASN C 166 12.77 -20.48 -20.51
CA ASN C 166 11.35 -20.44 -20.89
C ASN C 166 10.75 -21.80 -20.65
N CYS C 167 9.91 -21.97 -19.65
CA CYS C 167 9.33 -23.28 -19.46
C CYS C 167 8.13 -23.56 -20.39
N ASN C 168 8.40 -23.55 -21.68
CA ASN C 168 7.39 -23.89 -22.65
C ASN C 168 7.45 -25.39 -22.91
N CYS C 169 6.58 -25.88 -23.77
CA CYS C 169 6.59 -27.30 -24.10
C CYS C 169 7.97 -27.77 -24.61
N TYR C 170 8.78 -26.83 -25.08
CA TYR C 170 10.08 -27.21 -25.64
C TYR C 170 11.04 -27.61 -24.54
N LEU C 171 10.76 -27.25 -23.29
CA LEU C 171 11.67 -27.56 -22.20
C LEU C 171 11.09 -28.58 -21.20
N ALA C 172 9.93 -29.16 -21.52
CA ALA C 172 9.35 -30.22 -20.72
C ALA C 172 10.42 -31.23 -20.33
N TRP C 173 11.08 -31.81 -21.33
CA TRP C 173 12.08 -32.86 -21.11
C TRP C 173 13.15 -32.55 -20.09
N LEU C 174 13.56 -31.29 -20.01
CA LEU C 174 14.65 -30.89 -19.11
C LEU C 174 14.24 -31.10 -17.65
N GLY C 175 12.95 -30.94 -17.40
CA GLY C 175 12.37 -31.19 -16.09
C GLY C 175 12.72 -32.59 -15.67
N GLU C 176 12.22 -33.55 -16.43
CA GLU C 176 12.58 -34.96 -16.23
C GLU C 176 14.05 -35.21 -16.04
N TRP C 177 14.84 -34.81 -17.04
CA TRP C 177 16.28 -35.04 -17.01
C TRP C 177 16.86 -34.60 -15.68
N LEU C 178 16.45 -33.44 -15.20
CA LEU C 178 17.08 -32.88 -14.02
C LEU C 178 16.85 -33.77 -12.83
N ARG C 179 15.64 -34.26 -12.70
CA ARG C 179 15.33 -34.93 -11.46
C ARG C 179 15.81 -36.36 -11.51
N LYS C 180 16.21 -36.81 -12.69
CA LYS C 180 16.65 -38.21 -12.87
C LYS C 180 18.18 -38.35 -12.83
N LYS C 181 18.90 -37.37 -13.39
CA LYS C 181 20.35 -37.39 -13.36
C LYS C 181 20.81 -36.75 -12.06
N ARG C 182 21.35 -37.59 -11.18
CA ARG C 182 22.02 -37.16 -9.94
C ARG C 182 23.25 -36.29 -10.28
N ILE C 183 23.05 -35.01 -10.62
CA ILE C 183 24.16 -34.17 -11.04
C ILE C 183 23.87 -32.75 -10.62
N VAL C 184 24.86 -32.13 -10.01
CA VAL C 184 24.70 -30.84 -9.37
C VAL C 184 24.43 -29.75 -10.42
N THR C 185 23.33 -29.03 -10.23
CA THR C 185 22.90 -28.03 -11.20
C THR C 185 22.65 -26.70 -10.57
N GLY C 186 22.37 -26.68 -9.27
CA GLY C 186 21.98 -25.45 -8.53
C GLY C 186 20.49 -25.15 -8.50
N ASN C 187 19.74 -25.98 -9.22
CA ASN C 187 18.31 -25.99 -9.22
C ASN C 187 17.72 -24.85 -10.05
N PRO C 188 17.84 -24.91 -11.39
CA PRO C 188 17.42 -23.83 -12.25
C PRO C 188 15.94 -23.57 -12.20
N ARG C 189 15.56 -22.30 -12.35
CA ARG C 189 14.17 -21.86 -12.26
C ARG C 189 13.68 -21.23 -13.56
N CYS C 190 12.37 -21.35 -13.78
CA CYS C 190 11.72 -20.86 -14.98
C CYS C 190 11.61 -19.37 -14.85
N GLN C 191 11.77 -18.68 -15.98
CA GLN C 191 11.67 -17.24 -16.01
C GLN C 191 10.44 -16.76 -16.80
N LYS C 192 10.06 -17.52 -17.81
CA LYS C 192 8.78 -17.42 -18.51
C LYS C 192 8.15 -18.82 -18.39
N PRO C 193 6.82 -18.93 -18.48
CA PRO C 193 5.84 -17.87 -18.54
C PRO C 193 5.56 -17.30 -17.14
N TYR C 194 5.04 -16.07 -17.12
CA TYR C 194 4.81 -15.35 -15.88
C TYR C 194 4.33 -16.27 -14.74
N PHE C 195 3.42 -17.20 -15.02
CA PHE C 195 2.80 -17.92 -13.93
C PHE C 195 3.71 -18.95 -13.27
N LEU C 196 4.91 -19.12 -13.82
CA LEU C 196 5.86 -20.09 -13.32
C LEU C 196 7.19 -19.45 -12.98
N LYS C 197 7.23 -18.11 -12.97
CA LYS C 197 8.46 -17.36 -12.82
C LYS C 197 9.02 -17.74 -11.48
N GLU C 198 10.33 -18.04 -11.47
CA GLU C 198 11.08 -18.23 -10.21
C GLU C 198 10.66 -19.57 -9.51
N ILE C 199 10.12 -20.51 -10.28
CA ILE C 199 9.87 -21.89 -9.83
C ILE C 199 10.89 -22.83 -10.49
N PRO C 200 11.37 -23.85 -9.74
CA PRO C 200 12.47 -24.59 -10.32
C PRO C 200 11.94 -25.52 -11.38
N ILE C 201 12.69 -25.59 -12.49
CA ILE C 201 12.28 -26.30 -13.67
C ILE C 201 11.84 -27.66 -13.29
N GLN C 202 12.69 -28.34 -12.54
CA GLN C 202 12.44 -29.73 -12.16
C GLN C 202 11.11 -29.96 -11.41
N ASP C 203 10.54 -28.88 -10.89
CA ASP C 203 9.33 -28.97 -10.09
C ASP C 203 8.04 -28.89 -10.86
N VAL C 204 8.05 -28.28 -12.03
CA VAL C 204 6.82 -28.04 -12.78
C VAL C 204 6.22 -29.31 -13.32
N ALA C 205 4.92 -29.47 -13.12
CA ALA C 205 4.19 -30.62 -13.63
C ALA C 205 4.30 -30.69 -15.16
N ILE C 206 4.64 -31.84 -15.73
CA ILE C 206 4.66 -31.97 -17.19
C ILE C 206 3.37 -31.49 -17.94
N GLN C 207 2.29 -31.10 -17.23
CA GLN C 207 1.07 -30.48 -17.83
C GLN C 207 1.20 -28.99 -18.12
N ASP C 208 2.12 -28.30 -17.45
CA ASP C 208 2.22 -26.82 -17.49
C ASP C 208 3.28 -26.28 -18.46
N PHE C 209 4.08 -27.19 -19.01
CA PHE C 209 4.96 -26.82 -20.09
C PHE C 209 4.03 -26.78 -21.29
N THR C 210 3.73 -25.60 -21.80
CA THR C 210 2.71 -25.54 -22.84
C THR C 210 2.90 -24.44 -23.85
N CYS C 211 4.02 -24.44 -24.56
CA CYS C 211 4.15 -23.53 -25.70
C CYS C 211 2.78 -23.28 -26.44
N ASP C 212 2.41 -22.02 -26.57
CA ASP C 212 1.00 -21.64 -26.80
C ASP C 212 0.60 -21.55 -28.27
N ASP C 213 0.35 -22.71 -28.87
CA ASP C 213 -0.24 -22.82 -30.23
C ASP C 213 0.51 -21.98 -31.30
N ALA D 4 0.57 39.96 22.51
CA ALA D 4 1.23 38.62 22.33
C ALA D 4 0.19 37.56 22.10
N CYS D 5 0.53 36.57 21.25
CA CYS D 5 -0.40 35.54 20.79
C CYS D 5 -0.73 34.52 21.86
N PRO D 6 -2.02 34.21 22.06
CA PRO D 6 -2.42 33.21 23.06
C PRO D 6 -1.93 31.83 22.65
N GLU D 7 -1.64 30.96 23.63
CA GLU D 7 -0.79 29.73 23.44
C GLU D 7 -1.13 28.79 22.25
N LYS D 8 -2.42 28.46 22.11
CA LYS D 8 -2.90 27.48 21.13
C LYS D 8 -3.26 28.14 19.78
N CYS D 9 -3.23 29.48 19.73
CA CYS D 9 -3.63 30.23 18.54
C CYS D 9 -2.48 30.62 17.62
N ARG D 10 -2.81 31.29 16.52
CA ARG D 10 -1.85 31.79 15.55
C ARG D 10 -2.26 33.21 15.17
N CYS D 11 -1.34 34.17 15.30
CA CYS D 11 -1.67 35.59 15.13
C CYS D 11 -0.98 36.25 13.97
N GLU D 12 -1.73 36.42 12.87
CA GLU D 12 -1.18 36.89 11.61
C GLU D 12 -1.93 38.16 11.25
N GLY D 13 -1.31 39.31 11.48
CA GLY D 13 -1.98 40.57 11.21
C GLY D 13 -2.99 40.88 12.31
N THR D 14 -4.24 41.13 11.93
CA THR D 14 -5.27 41.47 12.93
C THR D 14 -6.18 40.27 13.24
N THR D 15 -5.80 39.10 12.77
CA THR D 15 -6.61 37.90 12.92
C THR D 15 -5.98 37.03 14.00
N VAL D 16 -6.79 36.55 14.92
CA VAL D 16 -6.34 35.56 15.88
C VAL D 16 -6.96 34.21 15.58
N ASP D 17 -6.15 33.21 15.20
CA ASP D 17 -6.67 31.95 14.66
C ASP D 17 -6.51 30.91 15.69
N CYS D 18 -7.61 30.35 16.18
CA CYS D 18 -7.54 29.26 17.15
C CYS D 18 -8.27 27.99 16.63
N SER D 19 -8.12 27.73 15.33
CA SER D 19 -8.71 26.59 14.67
C SER D 19 -8.10 25.27 15.11
N ASN D 20 -8.85 24.18 14.92
CA ASN D 20 -8.37 22.79 15.14
C ASN D 20 -7.45 22.63 16.31
N GLN D 21 -7.95 22.88 17.50
CA GLN D 21 -7.12 22.78 18.68
C GLN D 21 -7.74 22.01 19.85
N LYS D 22 -8.86 21.34 19.56
CA LYS D 22 -9.59 20.53 20.53
C LYS D 22 -9.94 21.38 21.75
N LEU D 23 -10.54 22.54 21.50
CA LEU D 23 -10.78 23.53 22.55
C LEU D 23 -12.20 23.56 23.14
N ASN D 24 -12.24 23.77 24.46
CA ASN D 24 -13.45 23.95 25.28
C ASN D 24 -13.82 25.38 25.53
N LYS D 25 -12.81 26.15 25.91
CA LYS D 25 -12.96 27.47 26.46
C LYS D 25 -12.14 28.41 25.59
N ILE D 26 -12.64 29.63 25.37
CA ILE D 26 -11.88 30.69 24.70
C ILE D 26 -10.49 30.93 25.35
N PRO D 27 -9.39 30.93 24.55
CA PRO D 27 -8.04 31.09 25.07
C PRO D 27 -7.80 32.30 25.97
N GLU D 28 -6.77 32.17 26.79
CA GLU D 28 -6.48 33.08 27.87
C GLU D 28 -6.39 34.58 27.54
N HIS D 29 -5.40 34.99 26.76
CA HIS D 29 -5.19 36.43 26.62
C HIS D 29 -5.32 36.91 25.19
N ILE D 30 -6.56 37.22 24.80
CA ILE D 30 -6.81 37.61 23.44
C ILE D 30 -6.37 39.05 23.30
N PRO D 31 -5.45 39.35 22.37
CA PRO D 31 -4.83 40.69 22.33
C PRO D 31 -5.85 41.76 21.98
N GLN D 32 -5.71 42.92 22.62
CA GLN D 32 -6.73 43.95 22.55
C GLN D 32 -6.98 44.47 21.13
N TYR D 33 -6.00 44.27 20.25
CA TYR D 33 -6.04 44.84 18.92
C TYR D 33 -6.84 44.01 17.94
N THR D 34 -7.24 42.81 18.35
CA THR D 34 -7.74 41.78 17.42
C THR D 34 -9.09 42.11 16.74
N ALA D 35 -9.21 41.70 15.48
CA ALA D 35 -10.34 42.07 14.65
C ALA D 35 -11.15 40.88 14.14
N GLU D 36 -10.54 39.70 14.15
CA GLU D 36 -11.25 38.48 13.76
C GLU D 36 -10.82 37.37 14.70
N LEU D 37 -11.75 36.87 15.49
CA LEU D 37 -11.42 35.75 16.34
C LEU D 37 -11.95 34.47 15.72
N ARG D 38 -11.11 33.46 15.57
CA ARG D 38 -11.49 32.23 14.89
C ARG D 38 -11.46 31.10 15.89
N LEU D 39 -12.62 30.57 16.26
CA LEU D 39 -12.68 29.44 17.19
C LEU D 39 -13.28 28.19 16.55
N ASN D 40 -13.31 28.20 15.23
CA ASN D 40 -13.98 27.17 14.47
C ASN D 40 -13.22 25.87 14.50
N ASN D 41 -13.93 24.79 14.21
CA ASN D 41 -13.33 23.46 14.17
C ASN D 41 -12.66 23.05 15.48
N ASN D 42 -13.38 23.25 16.57
CA ASN D 42 -12.93 22.83 17.87
C ASN D 42 -13.95 21.96 18.51
N GLU D 43 -13.89 21.73 19.81
CA GLU D 43 -15.00 21.04 20.45
C GLU D 43 -15.63 21.82 21.60
N PHE D 44 -16.21 22.97 21.27
CA PHE D 44 -17.00 23.75 22.19
C PHE D 44 -18.32 23.05 22.37
N THR D 45 -18.79 22.96 23.62
CA THR D 45 -20.10 22.38 23.92
C THR D 45 -21.14 23.47 24.21
N VAL D 46 -20.78 24.34 25.14
CA VAL D 46 -21.68 25.40 25.54
C VAL D 46 -20.88 26.70 25.56
N LEU D 47 -21.52 27.78 25.12
CA LEU D 47 -20.88 29.08 25.21
C LEU D 47 -21.28 29.86 26.46
N GLU D 48 -20.32 30.04 27.37
CA GLU D 48 -20.62 30.57 28.71
C GLU D 48 -20.54 32.08 28.80
N ALA D 49 -21.12 32.65 29.85
CA ALA D 49 -21.05 34.08 30.11
C ALA D 49 -19.61 34.43 30.36
N THR D 50 -19.04 35.35 29.60
CA THR D 50 -17.58 35.56 29.67
C THR D 50 -17.10 36.97 29.99
N GLY D 51 -17.72 37.95 29.32
CA GLY D 51 -17.29 39.35 29.41
C GLY D 51 -15.85 39.67 29.03
N ILE D 52 -15.20 38.79 28.25
CA ILE D 52 -13.88 39.12 27.71
C ILE D 52 -14.06 40.01 26.50
N PHE D 53 -15.28 40.02 25.99
CA PHE D 53 -15.61 40.83 24.84
C PHE D 53 -15.86 42.28 25.21
N LYS D 54 -15.87 42.55 26.50
CA LYS D 54 -15.96 43.92 26.98
C LYS D 54 -14.75 44.76 26.58
N LYS D 55 -13.58 44.15 26.50
CA LYS D 55 -12.36 44.90 26.17
C LYS D 55 -11.67 44.39 24.87
N LEU D 56 -12.48 44.18 23.83
CA LEU D 56 -11.99 43.87 22.48
C LEU D 56 -12.73 44.77 21.51
N PRO D 57 -12.43 46.08 21.54
CA PRO D 57 -13.22 47.05 20.82
C PRO D 57 -12.97 47.02 19.30
N GLN D 58 -11.96 46.26 18.87
CA GLN D 58 -11.61 46.10 17.45
C GLN D 58 -12.27 44.92 16.73
N LEU D 59 -12.68 43.92 17.50
CA LEU D 59 -13.26 42.69 17.00
C LEU D 59 -14.50 42.89 16.16
N ARG D 60 -14.52 42.37 14.93
CA ARG D 60 -15.66 42.58 14.06
C ARG D 60 -16.26 41.30 13.58
N LYS D 61 -15.55 40.20 13.75
CA LYS D 61 -16.03 38.90 13.28
C LYS D 61 -15.63 37.82 14.29
N ILE D 62 -16.50 36.86 14.56
CA ILE D 62 -16.12 35.72 15.36
C ILE D 62 -16.64 34.47 14.69
N ASN D 63 -15.76 33.49 14.50
CA ASN D 63 -16.15 32.23 13.88
C ASN D 63 -16.22 31.02 14.82
N PHE D 64 -17.44 30.57 15.14
CA PHE D 64 -17.67 29.36 15.95
C PHE D 64 -18.13 28.16 15.12
N SER D 65 -17.93 28.23 13.81
CA SER D 65 -18.31 27.13 12.90
C SER D 65 -17.76 25.79 13.33
N ASN D 66 -18.47 24.74 12.96
CA ASN D 66 -18.03 23.38 13.25
C ASN D 66 -17.54 23.10 14.66
N ASN D 67 -18.35 23.42 15.65
CA ASN D 67 -18.16 22.87 16.96
C ASN D 67 -19.31 21.93 17.23
N LYS D 68 -19.62 21.71 18.51
CA LYS D 68 -20.83 20.99 18.87
C LYS D 68 -21.48 21.70 20.02
N ILE D 69 -21.96 22.90 19.73
CA ILE D 69 -22.57 23.82 20.69
C ILE D 69 -24.04 23.50 20.82
N THR D 70 -24.48 23.10 22.03
CA THR D 70 -25.93 22.92 22.28
C THR D 70 -26.62 24.17 22.87
N ASP D 71 -25.93 24.92 23.72
CA ASP D 71 -26.53 26.09 24.35
C ASP D 71 -25.61 27.30 24.36
N ILE D 72 -26.23 28.49 24.33
CA ILE D 72 -25.51 29.73 24.54
C ILE D 72 -26.16 30.46 25.72
N GLU D 73 -25.36 30.80 26.71
CA GLU D 73 -25.88 31.42 27.94
C GLU D 73 -26.06 32.90 27.67
N GLU D 74 -26.97 33.52 28.43
CA GLU D 74 -27.15 34.98 28.35
C GLU D 74 -25.86 35.66 28.78
N GLY D 75 -25.21 36.35 27.85
CA GLY D 75 -24.00 37.12 28.16
C GLY D 75 -22.73 36.42 27.72
N ALA D 76 -22.88 35.45 26.82
CA ALA D 76 -21.71 34.89 26.15
C ALA D 76 -21.12 35.99 25.26
N PHE D 77 -21.90 37.04 25.05
CA PHE D 77 -21.51 38.13 24.18
C PHE D 77 -21.69 39.49 24.82
N GLU D 78 -21.66 39.55 26.15
CA GLU D 78 -21.78 40.83 26.85
C GLU D 78 -20.71 41.79 26.37
N GLY D 79 -21.19 42.99 26.05
CA GLY D 79 -20.35 44.10 25.64
C GLY D 79 -19.63 43.97 24.30
N ALA D 80 -20.12 43.08 23.44
CA ALA D 80 -19.51 42.90 22.13
C ALA D 80 -20.18 43.84 21.13
N SER D 81 -20.25 45.11 21.49
CA SER D 81 -20.99 46.10 20.72
C SER D 81 -20.41 46.32 19.33
N GLY D 82 -19.20 45.81 19.09
CA GLY D 82 -18.49 46.06 17.84
C GLY D 82 -18.78 45.09 16.72
N VAL D 83 -19.09 43.82 17.05
CA VAL D 83 -19.01 42.72 16.07
C VAL D 83 -20.11 42.82 14.97
N ASN D 84 -19.70 42.57 13.73
CA ASN D 84 -20.59 42.51 12.60
C ASN D 84 -21.19 41.13 12.42
N GLU D 85 -20.36 40.10 12.50
CA GLU D 85 -20.84 38.78 12.16
C GLU D 85 -20.36 37.70 13.08
N ILE D 86 -21.28 36.88 13.54
CA ILE D 86 -20.89 35.65 14.20
C ILE D 86 -21.38 34.44 13.36
N LEU D 87 -20.53 33.43 13.28
CA LEU D 87 -20.84 32.23 12.53
C LEU D 87 -21.01 31.07 13.46
N LEU D 88 -22.21 30.55 13.51
CA LEU D 88 -22.50 29.44 14.36
C LEU D 88 -22.81 28.26 13.46
N THR D 89 -22.56 28.43 12.18
CA THR D 89 -22.85 27.36 11.25
C THR D 89 -22.23 26.03 11.65
N SER D 90 -22.95 24.93 11.37
CA SER D 90 -22.61 23.55 11.81
C SER D 90 -22.46 23.34 13.29
N ASN D 91 -23.53 23.51 14.06
CA ASN D 91 -23.47 23.26 15.50
C ASN D 91 -24.71 22.51 15.95
N ARG D 92 -24.95 22.41 17.25
CA ARG D 92 -26.04 21.57 17.68
C ARG D 92 -27.13 22.32 18.43
N LEU D 93 -27.36 23.58 18.08
CA LEU D 93 -28.44 24.36 18.67
C LEU D 93 -29.80 23.83 18.25
N GLU D 94 -30.63 23.63 19.28
CA GLU D 94 -31.97 23.06 19.19
C GLU D 94 -33.08 24.14 19.09
N ASN D 95 -32.74 25.36 19.53
CA ASN D 95 -33.58 26.55 19.32
C ASN D 95 -32.85 27.84 19.61
N VAL D 96 -33.52 28.95 19.36
CA VAL D 96 -32.92 30.26 19.56
C VAL D 96 -33.72 31.06 20.60
N GLN D 97 -33.04 31.95 21.31
CA GLN D 97 -33.68 32.93 22.21
C GLN D 97 -32.83 34.15 22.14
N HIS D 98 -33.48 35.32 22.05
CA HIS D 98 -32.77 36.60 21.97
C HIS D 98 -31.73 36.77 23.08
N LYS D 99 -32.07 36.34 24.29
CA LYS D 99 -31.11 36.23 25.38
C LYS D 99 -29.69 35.80 24.92
N MET D 100 -29.63 34.93 23.92
CA MET D 100 -28.34 34.41 23.50
C MET D 100 -27.47 35.53 23.01
N PHE D 101 -28.10 36.53 22.42
CA PHE D 101 -27.38 37.53 21.65
C PHE D 101 -27.37 38.90 22.30
N LYS D 102 -27.73 38.97 23.58
CA LYS D 102 -27.59 40.21 24.33
C LYS D 102 -26.13 40.57 24.20
N GLY D 103 -25.90 41.81 23.80
CA GLY D 103 -24.57 42.34 23.69
C GLY D 103 -24.12 42.65 22.28
N LEU D 104 -24.69 41.94 21.30
CA LEU D 104 -24.30 42.13 19.92
C LEU D 104 -25.08 43.29 19.30
N GLU D 105 -24.65 44.50 19.60
CA GLU D 105 -25.42 45.71 19.25
C GLU D 105 -25.42 46.09 17.75
N SER D 106 -24.49 45.54 16.98
CA SER D 106 -24.27 46.00 15.63
C SER D 106 -24.37 44.83 14.66
N LEU D 107 -24.52 43.63 15.21
CA LEU D 107 -24.56 42.41 14.40
C LEU D 107 -25.27 42.66 13.08
N LYS D 108 -24.54 42.46 11.98
CA LYS D 108 -25.08 42.52 10.61
C LYS D 108 -25.38 41.16 10.02
N THR D 109 -24.71 40.11 10.51
CA THR D 109 -24.76 38.79 9.88
C THR D 109 -24.77 37.68 10.88
N LEU D 110 -25.80 36.84 10.82
CA LEU D 110 -25.89 35.74 11.76
C LEU D 110 -26.03 34.46 10.94
N MET D 111 -24.98 33.65 10.95
CA MET D 111 -25.06 32.37 10.29
C MET D 111 -25.48 31.32 11.31
N LEU D 112 -26.65 30.75 11.13
CA LEU D 112 -27.12 29.69 12.03
C LEU D 112 -27.37 28.43 11.22
N ARG D 113 -26.84 28.42 10.01
CA ARG D 113 -26.90 27.27 9.10
C ARG D 113 -26.51 25.94 9.72
N SER D 114 -27.22 24.89 9.37
CA SER D 114 -26.83 23.53 9.70
C SER D 114 -26.74 23.27 11.17
N ASN D 115 -27.64 23.90 11.93
CA ASN D 115 -27.81 23.54 13.31
C ASN D 115 -28.97 22.54 13.45
N ARG D 116 -29.66 22.54 14.59
CA ARG D 116 -30.81 21.65 14.72
C ARG D 116 -32.10 22.30 15.22
N ILE D 117 -32.29 23.56 14.87
CA ILE D 117 -33.40 24.33 15.34
C ILE D 117 -34.72 23.71 14.88
N THR D 118 -35.61 23.38 15.83
CA THR D 118 -36.89 22.76 15.47
C THR D 118 -38.02 23.74 15.14
N CYS D 119 -37.92 25.00 15.55
CA CYS D 119 -38.97 25.97 15.24
C CYS D 119 -38.48 27.36 15.54
N VAL D 120 -39.12 28.37 14.97
CA VAL D 120 -38.78 29.74 15.34
C VAL D 120 -39.89 30.38 16.21
N GLY D 121 -39.47 31.01 17.30
CA GLY D 121 -40.37 31.62 18.27
C GLY D 121 -40.76 33.04 17.96
N ASN D 122 -41.89 33.44 18.55
CA ASN D 122 -42.45 34.77 18.34
C ASN D 122 -41.44 35.83 18.79
N ASP D 123 -40.41 35.41 19.49
CA ASP D 123 -39.30 36.28 19.75
C ASP D 123 -38.01 35.51 19.91
N SER D 124 -37.69 34.71 18.91
CA SER D 124 -36.37 34.09 18.88
C SER D 124 -35.31 35.10 18.54
N PHE D 125 -35.70 36.14 17.80
CA PHE D 125 -34.73 37.08 17.25
C PHE D 125 -34.93 38.51 17.68
N ILE D 126 -35.72 38.73 18.72
CA ILE D 126 -35.96 40.07 19.26
C ILE D 126 -34.61 40.76 19.44
N GLY D 127 -34.57 42.06 19.14
CA GLY D 127 -33.42 42.91 19.51
C GLY D 127 -32.26 42.94 18.54
N LEU D 128 -32.29 42.08 17.51
CA LEU D 128 -31.25 42.11 16.46
C LEU D 128 -31.70 43.01 15.32
N SER D 129 -31.94 44.27 15.66
CA SER D 129 -32.53 45.21 14.71
C SER D 129 -31.56 45.57 13.59
N SER D 130 -30.30 45.12 13.68
CA SER D 130 -29.34 45.55 12.68
C SER D 130 -28.96 44.49 11.70
N VAL D 131 -29.26 43.22 11.98
CA VAL D 131 -28.83 42.14 11.06
C VAL D 131 -29.54 42.24 9.73
N ARG D 132 -28.73 42.15 8.66
CA ARG D 132 -29.23 42.18 7.28
C ARG D 132 -29.11 40.84 6.55
N LEU D 133 -28.48 39.85 7.19
CA LEU D 133 -28.44 38.48 6.69
C LEU D 133 -28.55 37.43 7.79
N LEU D 134 -29.65 36.68 7.81
CA LEU D 134 -29.82 35.59 8.78
C LEU D 134 -30.07 34.30 8.02
N SER D 135 -29.20 33.31 8.20
CA SER D 135 -29.31 32.04 7.50
C SER D 135 -29.89 30.97 8.41
N LEU D 136 -30.99 30.36 8.04
CA LEU D 136 -31.46 29.24 8.83
C LEU D 136 -31.33 27.95 8.01
N TYR D 137 -30.46 28.00 7.01
CA TYR D 137 -30.45 26.92 6.04
C TYR D 137 -30.11 25.61 6.72
N ASP D 138 -30.70 24.51 6.22
CA ASP D 138 -30.46 23.14 6.69
C ASP D 138 -30.63 23.00 8.17
N ASN D 139 -31.72 23.53 8.72
CA ASN D 139 -32.06 23.15 10.06
C ASN D 139 -33.13 22.09 10.08
N GLN D 140 -34.08 22.24 10.99
CA GLN D 140 -35.04 21.21 11.27
C GLN D 140 -36.38 21.88 11.58
N ILE D 141 -36.61 23.05 10.98
CA ILE D 141 -37.71 23.88 11.39
C ILE D 141 -38.98 23.36 10.75
N THR D 142 -40.03 23.41 11.56
CA THR D 142 -41.33 22.83 11.33
C THR D 142 -42.39 23.90 11.18
N THR D 143 -42.47 24.84 12.13
CA THR D 143 -43.26 26.05 11.93
C THR D 143 -42.51 27.29 12.36
N VAL D 144 -43.19 28.44 12.21
CA VAL D 144 -42.64 29.71 12.58
C VAL D 144 -43.79 30.50 13.12
N ALA D 145 -43.71 30.93 14.36
CA ALA D 145 -44.78 31.76 14.94
C ALA D 145 -44.91 33.05 14.13
N PRO D 146 -46.13 33.59 14.02
CA PRO D 146 -46.48 34.86 13.40
C PRO D 146 -45.63 36.04 13.90
N GLY D 147 -45.13 36.85 12.97
CA GLY D 147 -44.35 38.05 13.28
C GLY D 147 -43.00 37.80 13.89
N ALA D 148 -42.48 36.57 13.72
CA ALA D 148 -41.20 36.15 14.27
C ALA D 148 -40.13 37.04 13.75
N PHE D 149 -40.40 37.65 12.61
CA PHE D 149 -39.38 38.39 11.92
C PHE D 149 -39.66 39.87 11.91
N ASP D 150 -40.87 40.25 12.28
CA ASP D 150 -41.24 41.66 12.24
C ASP D 150 -40.17 42.51 12.92
N THR D 151 -39.54 41.95 13.94
CA THR D 151 -38.56 42.68 14.76
C THR D 151 -37.37 43.18 13.94
N LEU D 152 -36.82 42.28 13.12
CA LEU D 152 -35.58 42.46 12.34
C LEU D 152 -35.68 43.48 11.24
N HIS D 153 -35.64 44.75 11.60
CA HIS D 153 -35.92 45.85 10.67
C HIS D 153 -34.95 45.99 9.50
N SER D 154 -33.77 45.37 9.60
CA SER D 154 -32.70 45.56 8.62
C SER D 154 -32.58 44.42 7.64
N LEU D 155 -33.33 43.37 7.93
CA LEU D 155 -33.29 42.10 7.20
C LEU D 155 -33.45 42.21 5.68
N SER D 156 -32.44 41.76 4.95
CA SER D 156 -32.54 41.72 3.50
C SER D 156 -32.30 40.34 2.85
N THR D 157 -31.55 39.45 3.52
CA THR D 157 -31.43 38.04 3.06
C THR D 157 -31.72 37.04 4.16
N LEU D 158 -32.85 36.35 4.06
CA LEU D 158 -33.23 35.34 5.04
C LEU D 158 -33.23 34.01 4.32
N ASN D 159 -32.31 33.13 4.67
CA ASN D 159 -32.34 31.86 4.01
C ASN D 159 -33.12 30.80 4.81
N LEU D 160 -34.31 30.46 4.33
CA LEU D 160 -35.08 29.42 5.02
C LEU D 160 -34.96 28.06 4.41
N LEU D 161 -34.28 27.93 3.29
CA LEU D 161 -34.28 26.65 2.54
C LEU D 161 -33.78 25.46 3.37
N ALA D 162 -34.21 24.25 2.98
CA ALA D 162 -33.75 22.98 3.55
C ALA D 162 -34.24 22.71 4.97
N ASN D 163 -35.52 23.01 5.21
CA ASN D 163 -36.19 22.72 6.48
C ASN D 163 -37.51 22.01 6.23
N PRO D 164 -37.90 21.09 7.09
CA PRO D 164 -39.11 20.36 6.88
C PRO D 164 -40.35 21.15 7.32
N PHE D 165 -40.70 22.21 6.56
CA PHE D 165 -41.91 23.01 6.86
C PHE D 165 -43.16 22.15 6.82
N ASN D 166 -43.97 22.26 7.87
CA ASN D 166 -45.28 21.68 7.92
C ASN D 166 -46.32 22.70 7.49
N CYS D 167 -46.89 22.56 6.32
CA CYS D 167 -47.83 23.56 5.91
C CYS D 167 -49.21 23.36 6.49
N ASN D 168 -49.26 23.43 7.81
CA ASN D 168 -50.55 23.31 8.51
C ASN D 168 -51.12 24.69 8.76
N CYS D 169 -52.33 24.78 9.31
CA CYS D 169 -52.99 26.06 9.48
C CYS D 169 -52.05 26.96 10.27
N TYR D 170 -51.08 26.39 10.96
CA TYR D 170 -50.21 27.21 11.83
C TYR D 170 -49.24 28.01 11.05
N LEU D 171 -49.01 27.68 9.78
CA LEU D 171 -48.04 28.38 8.97
C LEU D 171 -48.72 29.14 7.84
N ALA D 172 -50.04 29.18 7.81
CA ALA D 172 -50.73 29.99 6.80
C ALA D 172 -50.11 31.39 6.61
N TRP D 173 -49.89 32.06 7.71
CA TRP D 173 -49.41 33.44 7.72
C TRP D 173 -48.05 33.61 7.07
N LEU D 174 -47.21 32.58 7.15
CA LEU D 174 -45.89 32.67 6.55
C LEU D 174 -45.99 32.76 5.03
N GLY D 175 -46.95 32.04 4.46
CA GLY D 175 -47.29 32.22 3.07
C GLY D 175 -47.36 33.69 2.73
N GLU D 176 -48.35 34.37 3.31
CA GLU D 176 -48.57 35.81 3.06
C GLU D 176 -47.32 36.63 3.21
N TRP D 177 -46.68 36.50 4.36
CA TRP D 177 -45.52 37.29 4.68
C TRP D 177 -44.50 37.13 3.58
N LEU D 178 -44.28 35.91 3.09
CA LEU D 178 -43.24 35.70 2.10
C LEU D 178 -43.51 36.47 0.83
N ARG D 179 -44.75 36.42 0.35
CA ARG D 179 -45.01 37.05 -0.92
C ARG D 179 -45.15 38.59 -0.81
N LYS D 180 -45.22 39.11 0.42
CA LYS D 180 -45.43 40.54 0.65
C LYS D 180 -44.11 41.27 0.95
N LYS D 181 -43.23 40.58 1.68
CA LYS D 181 -41.88 41.11 1.98
C LYS D 181 -40.91 40.75 0.83
N ARG D 182 -40.61 41.76 0.01
CA ARG D 182 -39.51 41.70 -0.98
C ARG D 182 -38.17 41.37 -0.28
N ILE D 183 -37.94 40.13 0.13
CA ILE D 183 -36.68 39.79 0.86
C ILE D 183 -36.26 38.39 0.48
N VAL D 184 -34.98 38.29 0.11
CA VAL D 184 -34.49 37.06 -0.50
C VAL D 184 -34.58 35.85 0.42
N THR D 185 -35.26 34.82 -0.08
CA THR D 185 -35.54 33.68 0.78
C THR D 185 -35.11 32.34 0.20
N GLY D 186 -34.98 32.35 -1.13
CA GLY D 186 -34.70 31.19 -1.96
C GLY D 186 -35.94 30.34 -2.30
N ASN D 187 -37.09 30.69 -1.67
CA ASN D 187 -38.41 30.10 -1.96
C ASN D 187 -38.76 28.75 -1.29
N PRO D 188 -38.89 28.75 0.04
CA PRO D 188 -38.96 27.52 0.85
C PRO D 188 -40.16 26.76 0.45
N ARG D 189 -40.09 25.41 0.56
CA ARG D 189 -41.15 24.48 0.13
C ARG D 189 -41.73 23.70 1.30
N CYS D 190 -43.01 23.38 1.26
CA CYS D 190 -43.67 22.57 2.27
C CYS D 190 -43.14 21.14 2.20
N GLN D 191 -42.98 20.51 3.34
CA GLN D 191 -42.55 19.13 3.36
C GLN D 191 -43.63 18.19 3.90
N LYS D 192 -44.50 18.69 4.79
CA LYS D 192 -45.82 18.07 5.12
C LYS D 192 -46.89 19.12 4.79
N PRO D 193 -48.14 18.70 4.55
CA PRO D 193 -48.63 17.33 4.40
C PRO D 193 -48.30 16.76 3.02
N TYR D 194 -48.28 15.44 2.93
CA TYR D 194 -47.94 14.78 1.70
C TYR D 194 -48.44 15.57 0.48
N PHE D 195 -49.68 16.04 0.49
CA PHE D 195 -50.29 16.55 -0.75
C PHE D 195 -49.80 17.89 -1.28
N LEU D 196 -48.89 18.47 -0.49
CA LEU D 196 -48.21 19.73 -0.76
C LEU D 196 -46.70 19.60 -0.69
N LYS D 197 -46.16 18.38 -0.64
CA LYS D 197 -44.71 18.17 -0.50
C LYS D 197 -43.99 18.79 -1.71
N GLU D 198 -42.98 19.60 -1.41
CA GLU D 198 -42.08 20.15 -2.42
C GLU D 198 -42.77 21.31 -3.22
N ILE D 199 -43.85 21.86 -2.65
CA ILE D 199 -44.51 23.04 -3.17
C ILE D 199 -44.16 24.33 -2.38
N PRO D 200 -43.87 25.44 -3.07
CA PRO D 200 -43.33 26.48 -2.25
C PRO D 200 -44.45 26.98 -1.37
N ILE D 201 -44.16 27.19 -0.09
CA ILE D 201 -45.10 27.79 0.90
C ILE D 201 -45.89 29.00 0.37
N GLN D 202 -45.19 30.00 -0.15
CA GLN D 202 -45.81 31.20 -0.65
C GLN D 202 -46.88 30.92 -1.71
N ASP D 203 -46.83 29.72 -2.30
CA ASP D 203 -47.69 29.35 -3.43
C ASP D 203 -49.06 28.83 -3.05
N VAL D 204 -49.13 28.20 -1.87
CA VAL D 204 -50.31 27.44 -1.44
C VAL D 204 -51.45 28.34 -1.09
N ALA D 205 -52.65 27.96 -1.52
CA ALA D 205 -53.86 28.76 -1.28
C ALA D 205 -54.26 28.72 0.19
N ILE D 206 -54.85 29.83 0.70
CA ILE D 206 -55.20 29.98 2.15
C ILE D 206 -56.05 28.84 2.66
N GLN D 207 -56.83 28.25 1.76
CA GLN D 207 -57.70 27.14 2.12
C GLN D 207 -57.02 25.81 2.49
N ASP D 208 -55.78 25.55 2.04
CA ASP D 208 -55.19 24.22 2.14
C ASP D 208 -54.29 24.14 3.36
N PHE D 209 -54.04 25.27 4.00
CA PHE D 209 -53.32 25.23 5.25
C PHE D 209 -54.38 24.77 6.21
N THR D 210 -54.33 23.54 6.69
CA THR D 210 -55.45 23.02 7.47
C THR D 210 -55.08 22.01 8.50
N CYS D 211 -54.44 22.45 9.55
CA CYS D 211 -54.17 21.57 10.69
C CYS D 211 -55.44 20.76 11.15
N ASP D 212 -55.29 19.44 11.24
CA ASP D 212 -56.42 18.52 11.07
C ASP D 212 -57.07 18.23 12.39
N ASP D 213 -57.83 19.21 12.88
CA ASP D 213 -58.78 19.03 14.02
C ASP D 213 -58.11 18.52 15.30
C1 NAG E . 17.53 23.79 13.45
C2 NAG E . 17.98 24.86 12.45
C3 NAG E . 17.33 26.20 12.75
C4 NAG E . 16.07 26.06 13.62
C5 NAG E . 16.33 25.26 14.92
C6 NAG E . 15.11 24.55 15.54
C7 NAG E . 20.13 25.47 11.38
C8 NAG E . 21.57 25.85 11.68
N2 NAG E . 19.44 25.00 12.45
O3 NAG E . 17.02 26.82 11.51
O4 NAG E . 15.62 27.38 13.91
O5 NAG E . 17.40 24.34 14.75
O6 NAG E . 14.06 24.36 14.61
O7 NAG E . 19.66 25.59 10.24
C1 NAG F . 7.43 -29.99 0.47
C2 NAG F . 7.68 -31.01 1.61
C3 NAG F . 7.43 -32.46 1.16
C4 NAG F . 6.56 -32.53 -0.11
C5 NAG F . 7.13 -31.64 -1.27
C6 NAG F . 6.13 -31.12 -2.33
C7 NAG F . 9.34 -31.19 3.46
C8 NAG F . 10.82 -31.31 3.75
N2 NAG F . 9.03 -30.88 2.19
O3 NAG F . 6.86 -33.25 2.18
O4 NAG F . 6.40 -33.91 -0.42
O5 NAG F . 7.88 -30.52 -0.78
O6 NAG F . 4.80 -31.14 -1.87
O7 NAG F . 8.52 -31.39 4.37
C1 NAG G . 19.86 -34.05 -32.83
C2 NAG G . 19.46 -33.33 -34.14
C3 NAG G . 20.08 -33.98 -35.37
C4 NAG G . 21.31 -34.83 -34.98
C5 NAG G . 21.00 -35.91 -33.88
C6 NAG G . 22.14 -36.47 -32.98
C7 NAG G . 17.31 -32.37 -35.06
C8 NAG G . 15.86 -32.74 -35.37
N2 NAG G . 17.99 -33.30 -34.34
O3 NAG G . 20.38 -33.03 -36.37
O4 NAG G . 21.79 -35.34 -36.22
O5 NAG G . 19.95 -35.47 -33.02
O6 NAG G . 23.27 -35.61 -32.89
O7 NAG G . 17.80 -31.28 -35.45
C1 NAG H . -45.95 36.80 20.84
C2 NAG H . -46.30 35.90 22.04
C3 NAG H . -46.27 36.68 23.37
C4 NAG H . -45.41 37.96 23.28
C5 NAG H . -45.81 38.88 22.08
C6 NAG H . -44.69 39.80 21.54
C7 NAG H . -48.01 34.16 22.46
C8 NAG H . -49.49 33.86 22.47
N2 NAG H . -47.63 35.34 21.95
O3 NAG H . -45.85 35.88 24.47
O4 NAG H . -45.55 38.58 24.56
O5 NAG H . -46.42 38.14 21.00
O6 NAG H . -43.35 39.45 21.93
O7 NAG H . -47.18 33.34 22.88
#